data_7POM
#
_entry.id   7POM
#
_cell.length_a   152.660
_cell.length_b   152.660
_cell.length_c   171.590
_cell.angle_alpha   90.000
_cell.angle_beta   90.000
_cell.angle_gamma   120.000
#
_symmetry.space_group_name_H-M   'H 3'
#
loop_
_entity.id
_entity.type
_entity.pdbx_description
1 polymer 'Carbonic anhydrase 9'
2 non-polymer 'ZINC ION'
3 non-polymer 'methyl 2-chloranyl-4-cyclohexylsulfanyl-5-sulfamoyl-benzoate'
4 water water
#
_entity_poly.entity_id   1
_entity_poly.type   'polypeptide(L)'
_entity_poly.pdbx_seq_one_letter_code
;GPDQSHWRYGGDPPWPRVSPACAGRFQSPVDIRPQLAAFSPALRPLELLGFQLPPLPELRLRNNGHSVQLTLPPGLEMAL
GPGREYRALQLHLHWGAAGRPGSEHTVEGHRFPAEIHVVHLSTAFARVDEALGRPGGLAVLAAFLEEGPEENSAYEQLLS
RLEEIAEEGSETQVPGLDISALLPSDFSRYFQYEGSLTTPPCAQGVIWTVFQQTVMLSAKQLHTLSDTLWGPGDSRLQLN
FRATQPLNGRVIEASFP
;
_entity_poly.pdbx_strand_id   A,B,C,D
#
loop_
_chem_comp.id
_chem_comp.type
_chem_comp.name
_chem_comp.formula
7VZ non-polymer 'methyl 2-chloranyl-4-cyclohexylsulfanyl-5-sulfamoyl-benzoate' 'C14 H18 Cl N O4 S2'
ZN non-polymer 'ZINC ION' 'Zn 2'
#
# COMPACT_ATOMS: atom_id res chain seq x y z
N TRP A 7 3.45 -34.75 -7.71
CA TRP A 7 1.99 -35.02 -7.94
C TRP A 7 1.79 -35.85 -9.23
N ARG A 8 1.12 -37.01 -9.10
CA ARG A 8 0.40 -37.74 -10.18
C ARG A 8 -1.11 -37.62 -9.87
N TYR A 9 -2.00 -38.17 -10.72
CA TYR A 9 -3.46 -38.29 -10.46
C TYR A 9 -3.72 -39.64 -9.75
N GLY A 10 -4.69 -39.66 -8.81
CA GLY A 10 -5.18 -40.86 -8.09
C GLY A 10 -4.15 -41.51 -7.16
N GLY A 11 -3.45 -40.72 -6.32
CA GLY A 11 -2.45 -41.21 -5.36
C GLY A 11 -1.90 -40.09 -4.48
N ASP A 12 -0.58 -40.11 -4.18
CA ASP A 12 0.15 -39.03 -3.48
C ASP A 12 1.50 -38.81 -4.18
N PRO A 13 2.24 -37.69 -3.94
CA PRO A 13 1.88 -36.67 -2.94
C PRO A 13 0.78 -35.68 -3.40
N PRO A 14 -0.50 -36.19 -0.80
CA PRO A 14 -1.65 -35.29 -0.81
C PRO A 14 -1.24 -33.98 -1.49
N TRP A 15 -2.17 -33.40 -2.26
CA TRP A 15 -1.93 -32.26 -3.19
C TRP A 15 -1.57 -30.99 -2.43
N PRO A 16 -2.24 -30.66 -1.29
CA PRO A 16 -1.73 -29.66 -0.35
C PRO A 16 -0.25 -29.80 0.05
N ARG A 17 0.27 -31.04 0.17
CA ARG A 17 1.68 -31.38 0.54
C ARG A 17 2.64 -31.16 -0.65
N VAL A 18 2.10 -30.98 -1.87
CA VAL A 18 2.83 -30.46 -3.08
C VAL A 18 2.66 -28.93 -3.10
N SER A 19 1.45 -28.45 -2.83
CA SER A 19 0.98 -27.06 -3.12
C SER A 19 -0.14 -26.68 -2.15
N PRO A 20 0.19 -25.91 -1.06
CA PRO A 20 -0.81 -25.43 -0.11
C PRO A 20 -1.99 -24.66 -0.73
N ALA A 21 -1.75 -24.07 -1.90
CA ALA A 21 -2.74 -23.35 -2.71
C ALA A 21 -3.94 -24.27 -3.03
N CYS A 22 -3.67 -25.58 -3.16
CA CYS A 22 -4.72 -26.57 -3.53
C CYS A 22 -5.72 -26.75 -2.38
N ALA A 23 -5.42 -26.25 -1.16
CA ALA A 23 -6.34 -26.27 0.00
C ALA A 23 -7.01 -24.92 0.15
N GLY A 24 -6.85 -24.03 -0.83
CA GLY A 24 -7.65 -22.80 -0.93
C GLY A 24 -9.13 -23.07 -0.77
N ARG A 25 -9.89 -22.02 -0.47
CA ARG A 25 -11.33 -22.07 -0.14
C ARG A 25 -12.20 -22.04 -1.42
N PHE A 26 -11.63 -21.70 -2.58
CA PHE A 26 -12.43 -21.47 -3.82
C PHE A 26 -11.77 -22.21 -4.98
N GLN A 27 -11.85 -23.53 -4.88
CA GLN A 27 -11.15 -24.44 -5.81
C GLN A 27 -12.15 -24.92 -6.88
N SER A 28 -11.57 -25.51 -7.92
CA SER A 28 -12.23 -26.14 -9.09
C SER A 28 -11.69 -27.56 -9.20
N PRO A 29 -12.41 -28.52 -9.81
CA PRO A 29 -13.75 -28.27 -10.36
C PRO A 29 -14.84 -28.37 -9.29
N VAL A 30 -16.09 -28.09 -9.67
CA VAL A 30 -17.25 -28.12 -8.74
C VAL A 30 -18.37 -28.96 -9.34
N ASP A 31 -19.34 -29.31 -8.49
CA ASP A 31 -20.58 -30.02 -8.88
C ASP A 31 -21.57 -28.95 -9.27
N ILE A 32 -22.06 -28.94 -10.50
CA ILE A 32 -23.05 -27.92 -10.93
C ILE A 32 -24.43 -28.49 -10.62
N ARG A 33 -25.25 -27.73 -9.91
CA ARG A 33 -26.64 -28.13 -9.58
C ARG A 33 -27.52 -27.07 -10.19
N PRO A 34 -27.99 -27.30 -11.44
CA PRO A 34 -28.65 -26.26 -12.23
C PRO A 34 -29.81 -25.55 -11.51
N GLN A 35 -30.40 -26.16 -10.48
CA GLN A 35 -31.61 -25.61 -9.84
C GLN A 35 -31.22 -24.68 -8.69
N LEU A 36 -29.95 -24.73 -8.28
CA LEU A 36 -29.36 -23.76 -7.33
C LEU A 36 -28.59 -22.68 -8.10
N ALA A 37 -28.37 -22.85 -9.41
CA ALA A 37 -27.66 -21.82 -10.22
C ALA A 37 -28.50 -20.55 -10.23
N ALA A 38 -27.88 -19.40 -10.22
CA ALA A 38 -28.57 -18.10 -10.28
C ALA A 38 -28.63 -17.66 -11.74
N PHE A 39 -29.83 -17.44 -12.26
CA PHE A 39 -30.02 -16.87 -13.61
C PHE A 39 -29.57 -15.42 -13.51
N SER A 40 -28.59 -15.05 -14.34
CA SER A 40 -27.96 -13.71 -14.39
C SER A 40 -28.07 -13.22 -15.82
N PRO A 41 -29.16 -12.50 -16.13
CA PRO A 41 -29.42 -11.96 -17.46
C PRO A 41 -28.32 -11.07 -18.05
N ALA A 42 -27.38 -10.60 -17.21
CA ALA A 42 -26.24 -9.79 -17.66
C ALA A 42 -25.28 -10.66 -18.48
N LEU A 43 -25.32 -11.99 -18.31
CA LEU A 43 -24.36 -12.89 -18.98
C LEU A 43 -24.67 -12.95 -20.49
N ARG A 44 -23.84 -12.33 -21.32
CA ARG A 44 -24.07 -12.20 -22.79
C ARG A 44 -23.46 -13.40 -23.51
N PRO A 45 -23.82 -13.62 -24.78
CA PRO A 45 -23.21 -14.71 -25.53
C PRO A 45 -21.68 -14.51 -25.61
N LEU A 46 -20.92 -15.60 -25.49
CA LEU A 46 -19.44 -15.59 -25.64
C LEU A 46 -19.09 -15.15 -27.06
N GLU A 47 -18.03 -14.35 -27.21
CA GLU A 47 -17.51 -13.94 -28.53
C GLU A 47 -16.11 -14.55 -28.71
N LEU A 48 -15.93 -15.35 -29.75
CA LEU A 48 -14.65 -16.02 -30.06
C LEU A 48 -14.30 -15.66 -31.49
N LEU A 49 -13.34 -14.76 -31.68
CA LEU A 49 -12.78 -14.39 -33.00
C LEU A 49 -11.35 -14.95 -33.15
N GLY A 50 -10.98 -15.28 -34.39
CA GLY A 50 -9.63 -15.75 -34.76
C GLY A 50 -9.45 -17.24 -34.53
N PHE A 51 -10.49 -17.99 -34.17
CA PHE A 51 -10.38 -19.43 -33.80
C PHE A 51 -10.31 -20.32 -35.06
N GLN A 52 -10.60 -19.78 -36.25
CA GLN A 52 -10.66 -20.62 -37.48
C GLN A 52 -9.25 -20.61 -38.10
N LEU A 53 -8.35 -21.45 -37.59
CA LEU A 53 -6.92 -21.40 -38.00
C LEU A 53 -6.78 -22.00 -39.40
N PRO A 54 -5.89 -21.44 -40.23
CA PRO A 54 -5.49 -22.09 -41.47
C PRO A 54 -4.59 -23.29 -41.19
N PRO A 55 -4.32 -24.13 -42.21
CA PRO A 55 -3.56 -25.37 -42.01
C PRO A 55 -2.09 -25.11 -41.62
N LEU A 56 -1.51 -23.97 -41.99
CA LEU A 56 -0.15 -23.54 -41.58
C LEU A 56 -0.19 -22.10 -41.07
N PRO A 57 0.62 -21.76 -40.02
CA PRO A 57 1.58 -22.68 -39.41
C PRO A 57 0.94 -23.85 -38.66
N GLU A 58 1.74 -24.92 -38.44
CA GLU A 58 1.31 -26.11 -37.66
C GLU A 58 1.34 -25.77 -36.16
N LEU A 59 0.68 -26.59 -35.36
CA LEU A 59 0.50 -26.36 -33.92
C LEU A 59 1.20 -27.48 -33.17
N ARG A 60 1.83 -27.13 -32.05
CA ARG A 60 2.50 -28.09 -31.15
C ARG A 60 1.45 -28.87 -30.38
N LEU A 61 1.49 -30.20 -30.48
CA LEU A 61 0.63 -31.09 -29.66
C LEU A 61 1.52 -32.01 -28.82
N ARG A 62 1.23 -32.10 -27.52
CA ARG A 62 2.23 -32.54 -26.52
C ARG A 62 1.58 -33.51 -25.56
N ASN A 63 2.19 -34.68 -25.36
CA ASN A 63 1.95 -35.50 -24.15
C ASN A 63 2.88 -34.96 -23.06
N ASN A 64 2.31 -34.34 -22.03
CA ASN A 64 3.12 -33.74 -20.94
C ASN A 64 3.01 -34.63 -19.70
N GLY A 65 2.38 -35.79 -19.82
CA GLY A 65 2.23 -36.76 -18.72
C GLY A 65 1.00 -36.53 -17.87
N HIS A 66 0.36 -35.35 -17.95
CA HIS A 66 -0.89 -35.02 -17.20
C HIS A 66 -2.10 -35.01 -18.15
N SER A 67 -1.90 -34.56 -19.38
CA SER A 67 -2.94 -34.49 -20.45
C SER A 67 -2.23 -34.46 -21.81
N VAL A 68 -3.00 -34.42 -22.90
CA VAL A 68 -2.49 -33.93 -24.21
C VAL A 68 -2.82 -32.44 -24.30
N GLN A 69 -1.83 -31.66 -24.70
CA GLN A 69 -1.93 -30.18 -24.67
C GLN A 69 -1.62 -29.64 -26.07
N LEU A 70 -2.52 -28.82 -26.61
CA LEU A 70 -2.32 -28.14 -27.91
C LEU A 70 -1.97 -26.69 -27.64
N THR A 71 -0.79 -26.25 -28.08
CA THR A 71 -0.40 -24.83 -28.01
C THR A 71 -1.21 -24.03 -29.06
N LEU A 72 -1.86 -22.94 -28.67
CA LEU A 72 -2.60 -22.09 -29.62
C LEU A 72 -1.74 -20.88 -29.98
N PRO A 73 -1.81 -20.40 -31.22
CA PRO A 73 -1.01 -19.26 -31.65
C PRO A 73 -1.62 -17.96 -31.14
N PRO A 74 -0.91 -16.83 -31.31
CA PRO A 74 -1.50 -15.52 -31.05
C PRO A 74 -2.58 -15.21 -32.10
N GLY A 75 -3.84 -14.30 -31.33
CA GLY A 75 -4.90 -13.88 -32.27
C GLY A 75 -6.21 -14.59 -32.01
N LEU A 76 -6.28 -15.53 -31.07
CA LEU A 76 -7.56 -16.14 -30.67
C LEU A 76 -8.10 -15.27 -29.54
N GLU A 77 -8.97 -14.32 -29.91
CA GLU A 77 -9.55 -13.32 -28.99
C GLU A 77 -10.92 -13.82 -28.52
N MET A 78 -11.18 -13.66 -27.22
CA MET A 78 -12.40 -14.16 -26.54
C MET A 78 -12.92 -13.07 -25.60
N ALA A 79 -14.24 -12.82 -25.54
CA ALA A 79 -14.85 -11.85 -24.62
C ALA A 79 -15.92 -12.52 -23.76
N LEU A 80 -15.82 -12.39 -22.44
CA LEU A 80 -16.87 -12.86 -21.49
C LEU A 80 -17.96 -11.80 -21.33
N GLY A 81 -17.65 -10.57 -21.72
CA GLY A 81 -18.52 -9.40 -21.55
C GLY A 81 -17.90 -8.23 -22.27
N PRO A 82 -18.63 -7.00 -22.17
CA PRO A 82 -18.12 -5.81 -22.86
C PRO A 82 -16.82 -5.33 -22.19
N GLY A 83 -15.72 -5.30 -22.94
CA GLY A 83 -14.42 -4.83 -22.45
C GLY A 83 -13.63 -5.92 -21.75
N ARG A 84 -14.23 -7.08 -21.50
CA ARG A 84 -13.69 -8.16 -20.65
C ARG A 84 -13.14 -9.25 -21.57
N GLU A 85 -11.93 -9.02 -22.08
CA GLU A 85 -11.36 -9.74 -23.23
C GLU A 85 -10.16 -10.59 -22.78
N TYR A 86 -9.89 -11.61 -23.59
CA TYR A 86 -8.98 -12.74 -23.34
C TYR A 86 -8.34 -13.16 -24.67
N ARG A 87 -7.17 -13.79 -24.60
CA ARG A 87 -6.54 -14.46 -25.77
C ARG A 87 -6.29 -15.91 -25.36
N ALA A 88 -6.60 -16.86 -26.25
CA ALA A 88 -6.46 -18.31 -25.95
C ALA A 88 -4.97 -18.64 -25.89
N LEU A 89 -4.57 -19.49 -24.94
CA LEU A 89 -3.15 -19.94 -24.78
C LEU A 89 -3.00 -21.40 -25.26
N GLN A 90 -3.88 -22.28 -24.83
CA GLN A 90 -3.77 -23.73 -25.09
C GLN A 90 -5.11 -24.37 -24.85
N LEU A 91 -5.22 -25.63 -25.20
CA LEU A 91 -6.34 -26.46 -24.73
C LEU A 91 -5.78 -27.82 -24.41
N HIS A 92 -6.51 -28.55 -23.58
CA HIS A 92 -6.10 -29.89 -23.11
C HIS A 92 -7.40 -30.58 -22.73
N LEU A 93 -7.35 -31.87 -22.43
CA LEU A 93 -8.55 -32.62 -22.01
C LEU A 93 -8.33 -33.35 -20.70
N HIS A 94 -9.46 -33.73 -20.11
CA HIS A 94 -9.62 -34.62 -18.93
C HIS A 94 -10.53 -35.78 -19.35
N TRP A 95 -10.16 -37.01 -19.00
CA TRP A 95 -10.90 -38.23 -19.39
C TRP A 95 -10.72 -39.35 -18.36
N GLY A 96 -11.41 -40.47 -18.56
CA GLY A 96 -11.39 -41.61 -17.62
C GLY A 96 -10.60 -42.78 -18.15
N ALA A 97 -11.21 -43.96 -18.14
CA ALA A 97 -10.63 -45.22 -18.67
C ALA A 97 -11.79 -46.11 -19.11
N ALA A 98 -11.46 -47.24 -19.75
CA ALA A 98 -12.44 -48.20 -20.28
C ALA A 98 -13.65 -48.25 -19.35
N GLY A 99 -14.82 -47.83 -19.85
CA GLY A 99 -16.12 -47.84 -19.15
C GLY A 99 -16.14 -47.02 -17.87
N ARG A 100 -15.38 -45.93 -17.77
CA ARG A 100 -15.40 -45.05 -16.57
C ARG A 100 -15.25 -43.59 -16.97
N PRO A 101 -16.22 -42.72 -16.64
CA PRO A 101 -16.16 -41.32 -17.05
C PRO A 101 -15.06 -40.54 -16.30
N GLY A 102 -14.57 -39.46 -16.92
CA GLY A 102 -13.46 -38.65 -16.38
C GLY A 102 -13.60 -37.16 -16.64
N SER A 103 -14.82 -36.62 -16.76
CA SER A 103 -15.02 -35.15 -16.74
C SER A 103 -14.55 -34.64 -15.37
N GLU A 104 -14.27 -33.33 -15.25
CA GLU A 104 -13.82 -32.68 -13.98
C GLU A 104 -15.04 -32.13 -13.28
N HIS A 105 -15.79 -31.27 -13.97
CA HIS A 105 -17.09 -30.76 -13.50
C HIS A 105 -18.09 -31.92 -13.58
N THR A 106 -19.04 -31.94 -12.67
CA THR A 106 -20.15 -32.91 -12.62
C THR A 106 -21.45 -32.09 -12.64
N VAL A 107 -22.56 -32.68 -13.09
CA VAL A 107 -23.90 -32.01 -13.01
C VAL A 107 -24.80 -32.92 -12.19
N GLU A 108 -25.35 -32.40 -11.09
CA GLU A 108 -26.18 -33.13 -10.09
C GLU A 108 -25.48 -34.44 -9.71
N GLY A 109 -24.15 -34.48 -9.72
CA GLY A 109 -23.37 -35.69 -9.39
C GLY A 109 -22.95 -36.49 -10.60
N HIS A 110 -23.55 -36.25 -11.75
CA HIS A 110 -23.22 -36.98 -13.00
C HIS A 110 -21.86 -36.54 -13.55
N ARG A 111 -20.96 -37.50 -13.76
CA ARG A 111 -19.66 -37.28 -14.44
C ARG A 111 -19.79 -37.75 -15.89
N PHE A 112 -19.33 -36.91 -16.82
CA PHE A 112 -19.40 -37.15 -18.27
C PHE A 112 -18.14 -37.90 -18.67
N PRO A 113 -18.19 -38.59 -19.82
CA PRO A 113 -17.04 -39.32 -20.33
C PRO A 113 -15.74 -38.52 -20.30
N ALA A 114 -15.74 -37.28 -20.82
CA ALA A 114 -14.51 -36.44 -20.86
C ALA A 114 -14.88 -34.95 -20.85
N GLU A 115 -13.86 -34.09 -20.86
CA GLU A 115 -14.06 -32.64 -20.73
C GLU A 115 -12.91 -31.93 -21.44
N ILE A 116 -13.25 -30.92 -22.23
CA ILE A 116 -12.23 -30.08 -22.94
C ILE A 116 -12.10 -28.73 -22.22
N HIS A 117 -10.87 -28.30 -22.02
CA HIS A 117 -10.51 -27.00 -21.39
C HIS A 117 -9.74 -26.17 -22.40
N VAL A 118 -10.26 -24.97 -22.66
CA VAL A 118 -9.60 -23.92 -23.50
C VAL A 118 -9.23 -22.79 -22.57
N VAL A 119 -7.93 -22.62 -22.34
CA VAL A 119 -7.39 -21.75 -21.27
C VAL A 119 -6.97 -20.41 -21.89
N HIS A 120 -7.43 -19.30 -21.31
CA HIS A 120 -7.17 -17.94 -21.84
C HIS A 120 -6.53 -17.05 -20.79
N LEU A 121 -5.81 -16.02 -21.25
CA LEU A 121 -5.17 -14.96 -20.47
C LEU A 121 -5.91 -13.66 -20.71
N SER A 122 -6.35 -13.01 -19.64
CA SER A 122 -6.84 -11.61 -19.72
C SER A 122 -5.82 -10.74 -20.45
N THR A 123 -6.30 -9.90 -21.35
CA THR A 123 -5.48 -8.98 -22.16
C THR A 123 -5.08 -7.78 -21.28
N ALA A 124 -5.81 -7.68 -19.82
CA ALA A 124 -5.14 -6.67 -18.96
C ALA A 124 -3.76 -7.13 -18.45
N PHE A 125 -3.33 -8.35 -18.74
CA PHE A 125 -2.03 -8.91 -18.28
C PHE A 125 -1.18 -9.35 -19.47
N ALA A 126 0.09 -8.96 -19.48
CA ALA A 126 1.03 -9.31 -20.54
C ALA A 126 1.44 -10.78 -20.42
N ARG A 127 1.54 -11.31 -19.21
CA ARG A 127 2.10 -12.64 -18.93
C ARG A 127 1.14 -13.43 -18.08
N VAL A 128 1.14 -14.73 -18.29
CA VAL A 128 0.36 -15.69 -17.47
C VAL A 128 0.78 -15.54 -16.00
N ASP A 129 2.08 -15.36 -15.73
CA ASP A 129 2.57 -15.38 -14.33
C ASP A 129 2.07 -14.14 -13.58
N GLU A 130 1.86 -13.02 -14.27
CA GLU A 130 1.19 -11.85 -13.65
C GLU A 130 -0.29 -12.16 -13.33
N ALA A 131 -0.94 -13.01 -14.13
CA ALA A 131 -2.41 -13.23 -14.05
C ALA A 131 -2.76 -14.27 -12.98
N LEU A 132 -1.85 -15.21 -12.68
CA LEU A 132 -2.11 -16.30 -11.68
C LEU A 132 -2.47 -15.67 -10.34
N GLY A 133 -3.58 -16.10 -9.74
CA GLY A 133 -4.10 -15.56 -8.46
C GLY A 133 -4.82 -14.25 -8.59
N ARG A 134 -4.82 -13.57 -9.74
CA ARG A 134 -5.53 -12.27 -9.85
C ARG A 134 -6.95 -12.57 -10.34
N PRO A 135 -7.98 -11.88 -9.81
CA PRO A 135 -9.36 -12.17 -10.19
C PRO A 135 -9.57 -11.93 -11.69
N GLY A 136 -10.07 -12.94 -12.39
CA GLY A 136 -10.32 -12.89 -13.84
C GLY A 136 -9.03 -12.89 -14.65
N GLY A 137 -7.87 -13.16 -14.04
CA GLY A 137 -6.60 -13.17 -14.79
C GLY A 137 -6.62 -14.22 -15.88
N LEU A 138 -7.11 -15.40 -15.53
CA LEU A 138 -7.31 -16.58 -16.41
C LEU A 138 -8.79 -16.86 -16.54
N ALA A 139 -9.20 -17.29 -17.72
CA ALA A 139 -10.56 -17.75 -18.02
C ALA A 139 -10.48 -19.05 -18.81
N VAL A 140 -11.23 -20.05 -18.38
CA VAL A 140 -11.25 -21.36 -19.06
C VAL A 140 -12.65 -21.57 -19.61
N LEU A 141 -12.72 -21.98 -20.86
CA LEU A 141 -13.96 -22.47 -21.50
C LEU A 141 -13.95 -23.97 -21.39
N ALA A 142 -14.96 -24.51 -20.71
CA ALA A 142 -15.10 -25.97 -20.50
C ALA A 142 -16.35 -26.51 -21.21
N ALA A 143 -16.19 -27.62 -21.92
CA ALA A 143 -17.33 -28.40 -22.49
C ALA A 143 -17.22 -29.87 -22.10
N PHE A 144 -18.34 -30.47 -21.78
CA PHE A 144 -18.42 -31.93 -21.56
C PHE A 144 -18.40 -32.66 -22.90
N LEU A 145 -17.61 -33.73 -23.00
CA LEU A 145 -17.61 -34.66 -24.15
C LEU A 145 -18.44 -35.88 -23.72
N GLU A 146 -19.52 -36.15 -24.46
CA GLU A 146 -20.48 -37.29 -24.31
C GLU A 146 -20.35 -38.22 -25.52
N GLU A 147 -20.83 -39.46 -25.39
CA GLU A 147 -20.81 -40.46 -26.50
C GLU A 147 -21.96 -40.17 -27.47
N GLY A 148 -21.67 -40.12 -28.77
CA GLY A 148 -22.69 -39.97 -29.82
C GLY A 148 -22.57 -41.05 -30.88
N PRO A 149 -23.58 -41.17 -31.79
CA PRO A 149 -23.53 -42.16 -32.87
C PRO A 149 -22.35 -41.91 -33.82
N GLU A 150 -22.04 -40.66 -34.10
CA GLU A 150 -21.15 -40.30 -35.22
C GLU A 150 -19.74 -40.00 -34.73
N GLU A 151 -18.77 -40.25 -35.60
CA GLU A 151 -17.38 -39.77 -35.46
C GLU A 151 -17.41 -38.23 -35.54
N ASN A 152 -16.80 -37.58 -34.55
CA ASN A 152 -16.66 -36.10 -34.51
C ASN A 152 -15.45 -35.71 -35.34
N SER A 153 -15.65 -35.04 -36.47
CA SER A 153 -14.51 -34.83 -37.38
C SER A 153 -13.58 -33.74 -36.82
N ALA A 154 -14.06 -32.84 -35.96
CA ALA A 154 -13.17 -31.80 -35.38
C ALA A 154 -12.16 -32.48 -34.43
N TYR A 155 -12.62 -33.41 -33.60
CA TYR A 155 -11.81 -34.10 -32.56
C TYR A 155 -10.90 -35.14 -33.21
N GLU A 156 -11.34 -35.69 -34.34
CA GLU A 156 -10.56 -36.70 -35.09
C GLU A 156 -9.21 -36.11 -35.50
N GLN A 157 -9.11 -34.79 -35.74
CA GLN A 157 -7.83 -34.18 -36.13
C GLN A 157 -6.78 -34.33 -35.02
N LEU A 158 -7.21 -34.38 -33.76
CA LEU A 158 -6.32 -34.49 -32.58
C LEU A 158 -6.16 -35.97 -32.23
N LEU A 159 -7.29 -36.67 -32.12
CA LEU A 159 -7.34 -38.08 -31.70
C LEU A 159 -6.55 -38.94 -32.68
N SER A 160 -6.53 -38.59 -33.96
CA SER A 160 -5.78 -39.34 -34.98
C SER A 160 -4.28 -39.19 -34.74
N ARG A 161 -3.87 -38.33 -33.80
CA ARG A 161 -2.44 -37.98 -33.66
C ARG A 161 -1.90 -38.43 -32.30
N LEU A 162 -2.75 -39.02 -31.47
CA LEU A 162 -2.37 -39.38 -30.09
C LEU A 162 -1.33 -40.49 -30.14
N GLU A 163 -1.40 -41.32 -31.18
CA GLU A 163 -0.55 -42.55 -31.22
C GLU A 163 0.90 -42.10 -31.37
N GLU A 164 1.18 -41.05 -32.15
CA GLU A 164 2.54 -40.48 -32.35
C GLU A 164 3.16 -39.96 -31.06
N ILE A 165 2.35 -39.56 -30.09
CA ILE A 165 2.85 -38.90 -28.85
C ILE A 165 2.46 -39.75 -27.65
N ALA A 166 2.32 -41.07 -27.83
CA ALA A 166 1.79 -42.01 -26.80
C ALA A 166 2.66 -41.95 -25.54
N GLU A 167 3.95 -41.69 -25.73
CA GLU A 167 4.99 -41.76 -24.67
C GLU A 167 5.05 -40.43 -23.89
N GLU A 168 5.15 -40.49 -22.57
CA GLU A 168 5.26 -39.30 -21.68
C GLU A 168 6.33 -38.38 -22.26
N GLY A 169 6.03 -37.08 -22.40
CA GLY A 169 7.02 -36.06 -22.80
C GLY A 169 7.26 -35.97 -24.29
N SER A 170 6.63 -36.81 -25.11
CA SER A 170 6.78 -36.73 -26.59
C SER A 170 5.81 -35.67 -27.15
N GLU A 171 6.12 -35.13 -28.33
CA GLU A 171 5.30 -34.09 -28.98
C GLU A 171 5.36 -34.20 -30.50
N THR A 172 4.38 -33.61 -31.16
CA THR A 172 4.28 -33.60 -32.65
C THR A 172 3.70 -32.25 -33.08
N GLN A 173 3.86 -31.91 -34.36
CA GLN A 173 3.25 -30.74 -35.02
C GLN A 173 2.00 -31.22 -35.76
N VAL A 174 0.88 -30.50 -35.66
CA VAL A 174 -0.38 -30.87 -36.35
C VAL A 174 -0.83 -29.69 -37.19
N PRO A 175 -1.57 -29.93 -38.31
CA PRO A 175 -2.09 -28.83 -39.11
C PRO A 175 -3.06 -27.97 -38.27
N GLY A 176 -3.07 -26.67 -38.56
CA GLY A 176 -4.09 -25.75 -38.07
C GLY A 176 -5.46 -26.34 -38.27
N LEU A 177 -6.32 -26.12 -37.27
CA LEU A 177 -7.71 -26.56 -37.33
C LEU A 177 -8.57 -25.43 -36.79
N ASP A 178 -9.87 -25.57 -37.00
CA ASP A 178 -10.86 -24.65 -36.43
C ASP A 178 -11.08 -25.05 -34.98
N ILE A 179 -10.49 -24.29 -34.08
CA ILE A 179 -10.59 -24.56 -32.62
C ILE A 179 -12.06 -24.42 -32.22
N SER A 180 -12.79 -23.45 -32.78
CA SER A 180 -14.22 -23.18 -32.42
C SER A 180 -15.10 -24.39 -32.73
N ALA A 181 -14.72 -25.22 -33.69
CA ALA A 181 -15.47 -26.44 -34.08
C ALA A 181 -15.41 -27.53 -32.99
N LEU A 182 -14.54 -27.41 -31.97
CA LEU A 182 -14.46 -28.38 -30.84
C LEU A 182 -15.49 -28.06 -29.78
N LEU A 183 -16.18 -26.93 -29.92
CA LEU A 183 -17.05 -26.33 -28.87
C LEU A 183 -18.51 -26.54 -29.25
N PRO A 184 -19.43 -26.53 -28.27
CA PRO A 184 -20.86 -26.73 -28.52
C PRO A 184 -21.48 -25.68 -29.46
N SER A 185 -22.72 -25.91 -29.89
CA SER A 185 -23.36 -25.01 -30.89
C SER A 185 -23.80 -23.68 -30.27
N ASP A 186 -24.26 -23.64 -29.03
CA ASP A 186 -24.92 -22.42 -28.48
C ASP A 186 -23.96 -21.75 -27.47
N PHE A 187 -23.39 -20.62 -27.88
CA PHE A 187 -22.45 -19.76 -27.09
C PHE A 187 -23.20 -18.82 -26.15
N SER A 188 -24.55 -18.88 -26.12
CA SER A 188 -25.41 -18.04 -25.24
C SER A 188 -25.78 -18.81 -23.97
N ARG A 189 -25.53 -20.13 -23.90
CA ARG A 189 -26.02 -21.01 -22.81
C ARG A 189 -24.84 -21.59 -22.03
N TYR A 190 -24.60 -21.11 -20.81
CA TYR A 190 -23.43 -21.54 -20.01
C TYR A 190 -23.65 -21.27 -18.52
N PHE A 191 -22.86 -22.00 -17.75
CA PHE A 191 -22.63 -21.79 -16.30
C PHE A 191 -21.31 -21.04 -16.13
N GLN A 192 -21.21 -20.20 -15.10
CA GLN A 192 -19.98 -19.43 -14.80
C GLN A 192 -19.81 -19.30 -13.28
N TYR A 193 -18.60 -19.47 -12.79
CA TYR A 193 -18.25 -19.17 -11.38
C TYR A 193 -16.74 -18.89 -11.34
N GLU A 194 -16.25 -18.41 -10.21
CA GLU A 194 -14.80 -18.17 -10.03
C GLU A 194 -14.22 -19.28 -9.16
N GLY A 195 -13.13 -19.88 -9.61
CA GLY A 195 -12.47 -21.00 -8.91
C GLY A 195 -10.97 -20.96 -9.18
N SER A 196 -10.41 -22.10 -9.55
CA SER A 196 -8.94 -22.31 -9.54
C SER A 196 -8.54 -23.14 -10.74
N LEU A 197 -7.24 -23.22 -10.97
CA LEU A 197 -6.61 -24.34 -11.70
C LEU A 197 -6.94 -25.66 -10.96
N THR A 198 -7.09 -26.76 -11.72
CA THR A 198 -7.48 -28.10 -11.21
C THR A 198 -6.22 -28.96 -11.17
N THR A 199 -5.08 -28.38 -11.48
CA THR A 199 -3.71 -28.94 -11.39
C THR A 199 -2.88 -27.98 -10.55
N PRO A 200 -1.88 -28.43 -9.77
CA PRO A 200 -0.95 -27.49 -9.13
C PRO A 200 -0.36 -26.55 -10.16
N PRO A 201 -0.19 -25.23 -9.86
CA PRO A 201 -0.28 -24.69 -8.51
C PRO A 201 -1.66 -24.27 -7.98
N CYS A 202 -2.77 -24.72 -8.58
CA CYS A 202 -4.14 -24.52 -8.05
C CYS A 202 -4.40 -23.03 -7.76
N ALA A 203 -3.83 -22.11 -8.55
CA ALA A 203 -4.07 -20.65 -8.39
C ALA A 203 -5.58 -20.37 -8.46
N GLN A 204 -6.08 -19.49 -7.61
CA GLN A 204 -7.50 -19.03 -7.63
C GLN A 204 -7.61 -17.80 -8.55
N GLY A 205 -8.81 -17.26 -8.68
CA GLY A 205 -9.13 -16.12 -9.56
C GLY A 205 -9.44 -16.53 -11.01
N VAL A 206 -9.57 -17.83 -11.27
CA VAL A 206 -9.87 -18.38 -12.63
C VAL A 206 -11.38 -18.27 -12.85
N ILE A 207 -11.80 -17.59 -13.93
CA ILE A 207 -13.23 -17.60 -14.33
C ILE A 207 -13.49 -18.83 -15.19
N TRP A 208 -14.31 -19.72 -14.66
CA TRP A 208 -14.79 -20.95 -15.36
C TRP A 208 -16.16 -20.70 -16.00
N THR A 209 -16.22 -20.96 -17.30
CA THR A 209 -17.46 -20.92 -18.11
C THR A 209 -17.68 -22.33 -18.64
N VAL A 210 -18.68 -23.02 -18.11
CA VAL A 210 -19.06 -24.39 -18.53
C VAL A 210 -20.33 -24.30 -19.42
N PHE A 211 -20.16 -24.64 -20.69
CA PHE A 211 -21.24 -24.76 -21.70
C PHE A 211 -22.34 -25.67 -21.18
N GLN A 212 -23.57 -25.22 -21.32
CA GLN A 212 -24.75 -26.06 -20.98
C GLN A 212 -24.80 -27.28 -21.91
N GLN A 213 -24.56 -27.07 -23.21
CA GLN A 213 -24.60 -28.17 -24.22
C GLN A 213 -23.27 -28.89 -24.30
N THR A 214 -23.34 -30.17 -24.65
CA THR A 214 -22.22 -31.12 -24.70
C THR A 214 -21.78 -31.27 -26.15
N VAL A 215 -20.60 -31.83 -26.35
CA VAL A 215 -20.09 -32.21 -27.68
C VAL A 215 -20.12 -33.75 -27.72
N MET A 216 -20.41 -34.32 -28.88
CA MET A 216 -20.54 -35.77 -29.05
C MET A 216 -19.32 -36.32 -29.80
N LEU A 217 -18.72 -37.36 -29.24
CA LEU A 217 -17.63 -38.16 -29.84
C LEU A 217 -18.15 -39.60 -29.97
N SER A 218 -17.63 -40.38 -30.91
CA SER A 218 -18.01 -41.82 -31.04
C SER A 218 -17.41 -42.57 -29.86
N ALA A 219 -17.90 -43.78 -29.62
CA ALA A 219 -17.30 -44.69 -28.63
C ALA A 219 -15.84 -44.91 -29.04
N LYS A 220 -15.60 -45.11 -30.34
CA LYS A 220 -14.23 -45.41 -30.79
C LYS A 220 -13.33 -44.27 -30.32
N GLN A 221 -13.79 -43.03 -30.49
CA GLN A 221 -12.97 -41.80 -30.30
C GLN A 221 -12.61 -41.64 -28.82
N LEU A 222 -13.57 -41.88 -27.93
CA LEU A 222 -13.40 -41.79 -26.47
C LEU A 222 -12.44 -42.86 -25.99
N HIS A 223 -12.60 -44.10 -26.47
CA HIS A 223 -11.62 -45.19 -26.27
C HIS A 223 -10.23 -44.70 -26.71
N THR A 224 -10.08 -44.14 -27.91
CA THR A 224 -8.76 -43.66 -28.40
C THR A 224 -8.19 -42.65 -27.39
N LEU A 225 -9.03 -41.77 -26.85
CA LEU A 225 -8.61 -40.65 -25.97
C LEU A 225 -8.06 -41.22 -24.67
N SER A 226 -8.76 -42.19 -24.08
CA SER A 226 -8.49 -42.70 -22.73
C SER A 226 -7.49 -43.86 -22.78
N ASP A 227 -7.12 -44.34 -23.97
CA ASP A 227 -6.44 -45.66 -24.10
C ASP A 227 -5.11 -45.53 -24.83
N THR A 228 -4.78 -44.38 -25.42
CA THR A 228 -3.59 -44.22 -26.29
C THR A 228 -2.40 -43.72 -25.49
N LEU A 229 -2.61 -42.83 -24.52
CA LEU A 229 -1.49 -42.04 -23.94
C LEU A 229 -0.91 -42.75 -22.70
N TRP A 230 0.42 -42.65 -22.54
CA TRP A 230 1.20 -43.18 -21.38
C TRP A 230 1.68 -42.03 -20.49
N GLY A 231 1.47 -42.18 -19.19
CA GLY A 231 1.74 -41.17 -18.13
C GLY A 231 2.96 -41.53 -17.30
N PRO A 232 3.16 -40.87 -16.13
CA PRO A 232 4.29 -41.17 -15.25
C PRO A 232 4.45 -42.67 -15.00
N GLY A 233 7.15 -43.01 -14.84
CA GLY A 233 6.66 -44.38 -14.60
C GLY A 233 6.04 -44.99 -15.85
N ASP A 234 5.59 -46.24 -15.77
CA ASP A 234 5.09 -47.01 -16.95
C ASP A 234 3.59 -47.27 -16.75
N SER A 235 2.81 -46.23 -16.40
CA SER A 235 1.32 -46.29 -16.26
C SER A 235 0.62 -45.53 -17.40
N ARG A 236 -0.61 -45.94 -17.70
CA ARG A 236 -1.48 -45.33 -18.73
C ARG A 236 -1.88 -43.93 -18.28
N LEU A 237 -1.94 -42.96 -19.19
CA LEU A 237 -2.47 -41.62 -18.85
C LEU A 237 -4.00 -41.71 -18.91
N GLN A 238 -4.63 -41.92 -17.74
CA GLN A 238 -6.08 -42.16 -17.56
C GLN A 238 -6.58 -41.49 -16.27
N LEU A 239 -7.88 -41.23 -16.17
CA LEU A 239 -8.53 -40.66 -14.97
C LEU A 239 -7.72 -39.44 -14.48
N ASN A 240 -7.33 -38.58 -15.44
CA ASN A 240 -6.56 -37.31 -15.22
C ASN A 240 -7.54 -36.18 -14.85
N PHE A 241 -8.46 -36.46 -13.94
CA PHE A 241 -9.41 -35.44 -13.40
C PHE A 241 -9.26 -35.28 -11.88
N ARG A 242 -9.57 -34.08 -11.40
CA ARG A 242 -9.51 -33.73 -9.96
C ARG A 242 -10.89 -33.95 -9.38
N ALA A 243 -10.95 -34.40 -8.12
CA ALA A 243 -12.23 -34.51 -7.38
C ALA A 243 -12.94 -33.16 -7.36
N THR A 244 -14.26 -33.19 -7.26
CA THR A 244 -15.09 -31.98 -7.20
C THR A 244 -14.78 -31.30 -5.86
N GLN A 245 -14.97 -29.98 -5.74
CA GLN A 245 -14.55 -29.20 -4.55
C GLN A 245 -15.74 -28.41 -4.04
N PRO A 246 -15.79 -28.09 -2.73
CA PRO A 246 -16.90 -27.31 -2.17
C PRO A 246 -16.95 -25.87 -2.68
N LEU A 247 -18.18 -25.40 -2.93
CA LEU A 247 -18.48 -24.03 -3.40
C LEU A 247 -18.17 -23.02 -2.28
N ASN A 248 -18.34 -23.44 -1.02
CA ASN A 248 -18.01 -22.59 0.16
C ASN A 248 -18.66 -21.24 0.00
N GLY A 249 -19.95 -21.22 -0.36
CA GLY A 249 -20.75 -19.99 -0.49
C GLY A 249 -20.85 -19.45 -1.91
N ARG A 250 -19.95 -19.88 -2.81
CA ARG A 250 -20.02 -19.46 -4.24
C ARG A 250 -21.38 -19.87 -4.80
N VAL A 251 -22.08 -18.96 -5.46
CA VAL A 251 -23.31 -19.28 -6.24
C VAL A 251 -22.91 -19.38 -7.73
N ILE A 252 -23.13 -20.56 -8.33
CA ILE A 252 -22.92 -20.79 -9.79
C ILE A 252 -23.98 -19.99 -10.52
N GLU A 253 -23.58 -19.17 -11.49
CA GLU A 253 -24.50 -18.35 -12.30
C GLU A 253 -24.80 -19.10 -13.59
N ALA A 254 -25.94 -18.81 -14.22
CA ALA A 254 -26.40 -19.40 -15.49
C ALA A 254 -26.86 -18.27 -16.41
N SER A 255 -26.47 -18.33 -17.69
CA SER A 255 -26.80 -17.33 -18.74
C SER A 255 -28.25 -17.50 -19.21
N PHE A 256 -28.93 -18.53 -18.75
CA PHE A 256 -30.27 -18.91 -19.27
C PHE A 256 -31.13 -19.28 -18.07
N PRO A 257 -32.46 -19.03 -18.14
CA PRO A 257 -33.36 -19.34 -17.03
C PRO A 257 -33.70 -20.85 -16.95
N SER B 19 -8.02 17.77 21.26
CA SER B 19 -8.05 16.55 20.38
C SER B 19 -7.82 15.29 21.23
N PRO B 20 -8.34 14.12 20.82
CA PRO B 20 -7.98 12.85 21.45
C PRO B 20 -6.49 12.53 21.25
N ALA B 21 -5.80 13.23 20.35
CA ALA B 21 -4.35 13.02 20.15
C ALA B 21 -3.58 13.42 21.42
N CYS B 22 -4.18 14.27 22.25
CA CYS B 22 -3.58 14.77 23.49
C CYS B 22 -3.46 13.61 24.48
N ALA B 23 -4.17 12.51 24.23
CA ALA B 23 -4.14 11.25 25.02
C ALA B 23 -3.24 10.23 24.34
N GLY B 24 -2.47 10.62 23.34
CA GLY B 24 -1.48 9.70 22.72
C GLY B 24 -0.42 9.23 23.72
N ARG B 25 0.34 8.20 23.36
CA ARG B 25 1.33 7.53 24.24
C ARG B 25 2.64 8.33 24.30
N PHE B 26 2.94 9.21 23.32
CA PHE B 26 4.28 9.82 23.17
C PHE B 26 4.18 11.33 23.12
N GLN B 27 3.76 11.90 24.24
CA GLN B 27 3.47 13.34 24.43
C GLN B 27 4.65 14.05 25.12
N SER B 28 4.59 15.37 25.04
CA SER B 28 5.51 16.35 25.64
C SER B 28 4.66 17.26 26.51
N PRO B 29 5.23 17.94 27.50
CA PRO B 29 6.65 17.80 27.88
C PRO B 29 6.90 16.62 28.82
N VAL B 30 8.16 16.44 29.24
CA VAL B 30 8.57 15.31 30.13
C VAL B 30 9.56 15.83 31.19
N ASP B 31 9.73 15.03 32.26
CA ASP B 31 10.80 15.17 33.26
C ASP B 31 12.07 14.60 32.66
N ILE B 32 13.11 15.41 32.58
CA ILE B 32 14.46 15.01 32.13
C ILE B 32 15.20 14.50 33.38
N ARG B 33 15.65 13.25 33.35
CA ARG B 33 16.44 12.62 34.43
C ARG B 33 17.78 12.31 33.85
N PRO B 34 18.76 13.21 34.02
CA PRO B 34 20.04 13.05 33.32
C PRO B 34 20.75 11.72 33.57
N GLN B 35 20.60 11.13 34.76
CA GLN B 35 21.30 9.84 35.02
C GLN B 35 20.67 8.72 34.20
N LEU B 36 19.46 8.92 33.69
CA LEU B 36 18.74 7.91 32.85
C LEU B 36 18.81 8.27 31.36
N ALA B 37 19.41 9.41 31.00
CA ALA B 37 19.62 9.76 29.58
C ALA B 37 20.70 8.86 28.95
N ALA B 38 20.52 8.53 27.66
CA ALA B 38 21.49 7.78 26.86
C ALA B 38 22.44 8.75 26.15
N PHE B 39 23.72 8.74 26.52
CA PHE B 39 24.80 9.45 25.83
C PHE B 39 24.96 8.84 24.45
N SER B 40 24.80 9.59 23.37
CA SER B 40 25.27 9.12 22.04
C SER B 40 26.22 10.15 21.48
N PRO B 41 27.50 9.75 21.28
CA PRO B 41 28.44 10.68 20.70
C PRO B 41 28.08 11.00 19.24
N ALA B 42 27.09 10.36 18.64
CA ALA B 42 26.68 10.72 17.28
C ALA B 42 25.90 12.04 17.28
N LEU B 43 25.39 12.51 18.43
CA LEU B 43 24.67 13.80 18.53
C LEU B 43 25.69 14.95 18.45
N ARG B 44 25.73 15.64 17.32
CA ARG B 44 26.74 16.71 17.02
C ARG B 44 26.20 18.06 17.46
N PRO B 45 27.08 19.07 17.64
CA PRO B 45 26.65 20.42 17.97
C PRO B 45 25.59 20.91 16.97
N LEU B 46 24.58 21.55 17.51
CA LEU B 46 23.51 22.17 16.70
C LEU B 46 24.13 23.22 15.80
N GLU B 47 23.61 23.34 14.60
CA GLU B 47 24.03 24.36 13.61
C GLU B 47 22.83 25.27 13.37
N LEU B 48 22.97 26.56 13.70
CA LEU B 48 21.93 27.58 13.50
C LEU B 48 22.55 28.70 12.67
N LEU B 49 22.20 28.79 11.38
CA LEU B 49 22.70 29.85 10.47
C LEU B 49 21.54 30.75 10.02
N GLY B 50 21.84 32.03 9.84
CA GLY B 50 20.90 33.07 9.37
C GLY B 50 20.06 33.60 10.51
N PHE B 51 20.44 33.34 11.77
CA PHE B 51 19.61 33.76 12.93
C PHE B 51 19.88 35.23 13.31
N GLN B 52 20.94 35.84 12.78
CA GLN B 52 21.34 37.23 13.18
C GLN B 52 20.60 38.20 12.25
N LEU B 53 19.41 38.60 12.64
CA LEU B 53 18.48 39.32 11.73
C LEU B 53 18.87 40.79 11.78
N PRO B 54 18.83 41.52 10.64
CA PRO B 54 18.97 42.98 10.66
C PRO B 54 17.77 43.68 11.26
N PRO B 55 17.90 44.96 11.70
CA PRO B 55 16.78 45.69 12.30
C PRO B 55 15.51 45.71 11.44
N LEU B 56 15.65 45.69 10.11
CA LEU B 56 14.53 45.69 9.14
C LEU B 56 14.73 44.53 8.18
N PRO B 57 13.67 43.80 7.75
CA PRO B 57 12.28 44.13 8.10
C PRO B 57 11.91 43.81 9.55
N GLU B 58 10.91 44.51 10.06
CA GLU B 58 10.38 44.28 11.43
C GLU B 58 9.66 42.93 11.47
N LEU B 59 9.45 42.41 12.67
CA LEU B 59 8.88 41.06 12.92
C LEU B 59 7.54 41.25 13.61
N ARG B 60 6.56 40.42 13.27
CA ARG B 60 5.27 40.37 13.98
C ARG B 60 5.45 39.71 15.35
N LEU B 61 4.97 40.37 16.42
CA LEU B 61 4.91 39.86 17.82
C LEU B 61 3.44 39.90 18.25
N ARG B 62 2.91 38.79 18.71
CA ARG B 62 1.44 38.62 18.86
C ARG B 62 1.12 37.97 20.20
N ASN B 63 0.16 38.54 20.92
CA ASN B 63 -0.50 37.89 22.06
C ASN B 63 -1.66 37.13 21.44
N ASN B 64 -1.57 35.79 21.38
CA ASN B 64 -2.61 34.93 20.76
C ASN B 64 -3.49 34.37 21.86
N GLY B 65 -3.33 34.86 23.09
CA GLY B 65 -4.10 34.38 24.26
C GLY B 65 -3.57 33.09 24.86
N HIS B 66 -2.59 32.45 24.21
CA HIS B 66 -1.90 31.23 24.71
C HIS B 66 -0.46 31.56 25.11
N SER B 67 0.21 32.38 24.31
CA SER B 67 1.60 32.84 24.58
C SER B 67 1.82 34.18 23.87
N VAL B 68 3.02 34.74 23.99
CA VAL B 68 3.51 35.79 23.06
C VAL B 68 4.25 35.03 21.98
N GLN B 69 3.89 35.28 20.71
CA GLN B 69 4.49 34.56 19.55
C GLN B 69 5.17 35.56 18.61
N LEU B 70 6.44 35.28 18.30
CA LEU B 70 7.23 36.03 17.34
C LEU B 70 7.32 35.25 16.03
N THR B 71 6.81 35.82 14.95
CA THR B 71 6.95 35.23 13.60
C THR B 71 8.37 35.46 13.08
N LEU B 72 8.99 34.42 12.53
CA LEU B 72 10.38 34.46 12.07
C LEU B 72 10.34 34.48 10.56
N PRO B 73 11.22 35.26 9.90
CA PRO B 73 11.26 35.28 8.44
C PRO B 73 11.90 34.01 7.88
N PRO B 74 11.84 33.81 6.53
CA PRO B 74 12.66 32.83 5.86
C PRO B 74 14.11 33.08 6.26
N GLY B 75 14.94 31.57 5.95
CA GLY B 75 16.34 32.00 6.06
C GLY B 75 16.97 31.55 7.36
N LEU B 76 16.20 31.20 8.39
CA LEU B 76 16.80 30.73 9.67
C LEU B 76 16.96 29.20 9.54
N GLU B 77 18.17 28.77 9.19
CA GLU B 77 18.45 27.35 8.90
C GLU B 77 19.07 26.70 10.14
N MET B 78 18.60 25.50 10.43
CA MET B 78 19.01 24.70 11.61
C MET B 78 19.19 23.25 11.19
N ALA B 79 20.27 22.60 11.63
CA ALA B 79 20.49 21.16 11.41
C ALA B 79 20.68 20.46 12.76
N LEU B 80 20.00 19.31 12.94
CA LEU B 80 20.17 18.40 14.11
C LEU B 80 21.24 17.35 13.79
N GLY B 81 21.60 17.22 12.53
CA GLY B 81 22.63 16.29 12.04
C GLY B 81 22.97 16.62 10.60
N PRO B 82 23.81 15.58 9.97
CA PRO B 82 24.21 15.77 8.58
C PRO B 82 22.98 15.55 7.68
N GLY B 83 22.59 16.54 6.87
CA GLY B 83 21.38 16.49 6.03
C GLY B 83 20.05 16.43 6.80
N ARG B 84 20.02 16.74 8.10
CA ARG B 84 18.75 16.77 8.84
C ARG B 84 18.45 18.24 9.12
N GLU B 85 17.90 18.94 8.12
CA GLU B 85 17.77 20.42 8.16
C GLU B 85 16.33 20.86 8.35
N TYR B 86 16.21 22.09 8.83
CA TYR B 86 15.01 22.74 9.37
C TYR B 86 15.06 24.25 9.11
N ARG B 87 13.88 24.86 9.02
CA ARG B 87 13.73 26.33 8.96
C ARG B 87 12.90 26.75 10.15
N ALA B 88 13.31 27.81 10.85
CA ALA B 88 12.58 28.36 12.01
C ALA B 88 11.29 29.03 11.52
N LEU B 89 10.16 28.77 12.15
CA LEU B 89 8.86 29.41 11.80
C LEU B 89 8.56 30.51 12.80
N GLN B 90 8.73 30.20 14.09
CA GLN B 90 8.28 31.07 15.19
C GLN B 90 8.97 30.67 16.48
N LEU B 91 8.89 31.58 17.45
CA LEU B 91 9.28 31.29 18.83
C LEU B 91 8.19 31.84 19.73
N HIS B 92 8.04 31.22 20.88
CA HIS B 92 7.05 31.59 21.91
C HIS B 92 7.60 31.15 23.26
N LEU B 93 6.92 31.50 24.34
CA LEU B 93 7.46 31.29 25.69
C LEU B 93 6.38 30.66 26.56
N HIS B 94 6.83 29.96 27.60
CA HIS B 94 5.96 29.40 28.65
C HIS B 94 6.48 29.92 29.98
N TRP B 95 5.59 30.31 30.86
CA TRP B 95 5.98 31.02 32.11
C TRP B 95 4.94 30.81 33.20
N GLY B 96 5.27 31.24 34.41
CA GLY B 96 4.44 30.94 35.58
C GLY B 96 3.58 32.12 36.00
N ALA B 97 3.73 32.55 37.24
CA ALA B 97 3.08 33.73 37.84
C ALA B 97 3.99 34.19 38.98
N ALA B 98 3.61 35.17 39.80
CA ALA B 98 4.53 35.73 40.82
C ALA B 98 5.10 34.59 41.68
N GLY B 99 6.42 34.35 41.56
CA GLY B 99 7.19 33.33 42.30
C GLY B 99 6.59 31.94 42.14
N ARG B 100 5.99 31.67 40.98
CA ARG B 100 5.52 30.33 40.56
C ARG B 100 6.23 30.03 39.25
N PRO B 101 7.11 29.02 39.19
CA PRO B 101 7.81 28.68 37.94
C PRO B 101 6.84 28.12 36.89
N GLY B 102 7.09 28.37 35.61
CA GLY B 102 6.20 27.88 34.52
C GLY B 102 6.90 27.28 33.30
N SER B 103 8.09 26.68 33.44
CA SER B 103 8.72 25.88 32.39
C SER B 103 7.84 24.65 32.11
N GLU B 104 7.87 24.16 30.86
CA GLU B 104 7.14 22.93 30.46
C GLU B 104 7.99 21.72 30.84
N HIS B 105 9.22 21.63 30.31
CA HIS B 105 10.14 20.52 30.73
C HIS B 105 10.53 20.78 32.19
N THR B 106 10.82 19.71 32.93
CA THR B 106 11.43 19.74 34.27
C THR B 106 12.75 18.93 34.25
N VAL B 107 13.62 19.16 35.22
CA VAL B 107 14.88 18.39 35.36
C VAL B 107 14.90 17.83 36.77
N GLU B 108 14.75 16.51 36.88
CA GLU B 108 14.62 15.80 38.17
C GLU B 108 13.54 16.50 39.00
N GLY B 109 12.41 16.83 38.39
CA GLY B 109 11.25 17.36 39.12
C GLY B 109 11.38 18.86 39.31
N HIS B 110 12.53 19.47 39.01
CA HIS B 110 12.69 20.94 39.16
C HIS B 110 12.01 21.68 37.99
N ARG B 111 11.10 22.59 38.28
CA ARG B 111 10.46 23.48 37.28
C ARG B 111 11.25 24.80 37.24
N PHE B 112 11.69 25.22 36.07
CA PHE B 112 12.42 26.51 35.93
C PHE B 112 11.41 27.64 35.75
N PRO B 113 11.80 28.89 36.04
CA PRO B 113 10.88 30.02 35.88
C PRO B 113 10.14 30.08 34.54
N ALA B 114 10.82 29.85 33.43
CA ALA B 114 10.20 29.95 32.09
C ALA B 114 10.96 29.10 31.09
N GLU B 115 10.44 29.04 29.86
CA GLU B 115 11.01 28.20 28.79
C GLU B 115 10.73 28.88 27.46
N ILE B 116 11.74 28.95 26.60
CA ILE B 116 11.56 29.44 25.22
C ILE B 116 11.55 28.26 24.27
N HIS B 117 10.67 28.33 23.28
CA HIS B 117 10.52 27.31 22.22
C HIS B 117 10.71 27.97 20.86
N VAL B 118 11.71 27.54 20.12
CA VAL B 118 11.87 27.91 18.69
C VAL B 118 11.41 26.72 17.85
N VAL B 119 10.28 26.89 17.16
CA VAL B 119 9.60 25.84 16.37
C VAL B 119 10.13 25.89 14.95
N HIS B 120 10.51 24.74 14.42
CA HIS B 120 11.11 24.59 13.09
C HIS B 120 10.35 23.55 12.26
N LEU B 121 10.38 23.77 10.94
CA LEU B 121 9.82 22.87 9.91
C LEU B 121 10.95 22.19 9.15
N SER B 122 10.89 20.87 9.04
CA SER B 122 11.81 20.06 8.18
C SER B 122 11.75 20.58 6.74
N THR B 123 12.92 20.77 6.12
CA THR B 123 13.10 21.25 4.72
C THR B 123 12.51 20.19 3.79
N ALA B 124 12.14 18.77 4.41
CA ALA B 124 11.54 17.78 3.51
C ALA B 124 10.04 18.02 3.37
N PHE B 125 9.45 18.98 4.10
CA PHE B 125 8.01 19.28 4.06
C PHE B 125 7.84 20.75 3.68
N ALA B 126 6.96 21.00 2.70
CA ALA B 126 6.66 22.37 2.19
C ALA B 126 5.70 23.03 3.18
N ARG B 127 4.89 22.24 3.88
CA ARG B 127 3.83 22.78 4.75
C ARG B 127 3.90 22.20 6.17
N VAL B 128 3.56 23.01 7.16
CA VAL B 128 3.36 22.60 8.57
C VAL B 128 2.31 21.49 8.62
N ASP B 129 1.20 21.61 7.86
CA ASP B 129 0.07 20.64 7.96
C ASP B 129 0.51 19.27 7.39
N GLU B 130 1.46 19.22 6.47
CA GLU B 130 2.06 17.95 6.00
C GLU B 130 3.00 17.35 7.05
N ALA B 131 3.61 18.20 7.85
CA ALA B 131 4.65 17.83 8.83
C ALA B 131 4.00 17.32 10.13
N LEU B 132 2.77 17.77 10.45
CA LEU B 132 2.12 17.40 11.72
C LEU B 132 1.89 15.90 11.76
N GLY B 133 2.40 15.24 12.79
CA GLY B 133 2.19 13.81 13.00
C GLY B 133 3.24 12.98 12.26
N ARG B 134 4.14 13.60 11.49
CA ARG B 134 5.18 12.87 10.73
C ARG B 134 6.45 12.90 11.57
N PRO B 135 7.19 11.79 11.69
CA PRO B 135 8.38 11.77 12.56
C PRO B 135 9.44 12.77 12.05
N GLY B 136 9.86 13.70 12.92
CA GLY B 136 10.88 14.69 12.57
C GLY B 136 10.35 15.81 11.67
N GLY B 137 9.05 15.87 11.41
CA GLY B 137 8.48 16.92 10.56
C GLY B 137 8.67 18.28 11.19
N LEU B 138 8.40 18.39 12.48
CA LEU B 138 8.67 19.59 13.30
C LEU B 138 9.78 19.28 14.29
N ALA B 139 10.65 20.25 14.52
CA ALA B 139 11.69 20.22 15.57
C ALA B 139 11.56 21.50 16.39
N VAL B 140 11.57 21.37 17.70
CA VAL B 140 11.57 22.56 18.60
C VAL B 140 12.91 22.58 19.36
N LEU B 141 13.56 23.76 19.37
CA LEU B 141 14.66 24.07 20.31
C LEU B 141 14.08 24.70 21.57
N ALA B 142 14.41 24.13 22.74
CA ALA B 142 13.88 24.50 24.06
C ALA B 142 15.04 24.87 24.97
N ALA B 143 14.93 26.01 25.63
CA ALA B 143 15.92 26.50 26.61
C ALA B 143 15.14 26.95 27.85
N PHE B 144 15.64 26.58 29.02
CA PHE B 144 15.11 27.07 30.32
C PHE B 144 15.61 28.49 30.56
N LEU B 145 14.72 29.32 31.07
CA LEU B 145 15.00 30.71 31.52
C LEU B 145 15.06 30.68 33.05
N GLU B 146 16.15 31.15 33.64
CA GLU B 146 16.31 31.22 35.13
C GLU B 146 16.53 32.69 35.55
N GLU B 147 16.42 32.96 36.83
CA GLU B 147 16.74 34.30 37.39
C GLU B 147 18.25 34.47 37.56
N GLY B 148 18.80 35.52 36.97
CA GLY B 148 20.17 35.98 37.24
C GLY B 148 20.16 37.41 37.77
N PRO B 149 21.34 37.92 38.15
CA PRO B 149 21.46 39.29 38.65
C PRO B 149 21.33 40.37 37.58
N GLU B 150 21.74 40.11 36.32
CA GLU B 150 21.74 41.13 35.22
C GLU B 150 20.41 41.11 34.43
N GLU B 151 20.06 42.29 33.90
CA GLU B 151 19.10 42.48 32.80
C GLU B 151 19.65 41.73 31.58
N ASN B 152 18.81 40.91 30.95
CA ASN B 152 19.20 40.20 29.72
C ASN B 152 18.84 41.10 28.53
N SER B 153 19.85 41.50 27.75
CA SER B 153 19.68 42.45 26.62
C SER B 153 18.76 41.84 25.56
N ALA B 154 19.07 40.60 25.15
CA ALA B 154 18.36 39.89 24.07
C ALA B 154 16.89 39.80 24.46
N TYR B 155 16.60 39.43 25.69
CA TYR B 155 15.18 39.29 26.12
C TYR B 155 14.51 40.67 26.29
N GLU B 156 15.27 41.70 26.63
CA GLU B 156 14.68 43.07 26.83
C GLU B 156 13.98 43.55 25.54
N GLN B 157 14.49 43.21 24.36
CA GLN B 157 13.87 43.61 23.07
C GLN B 157 12.46 43.03 22.93
N LEU B 158 12.16 41.89 23.57
CA LEU B 158 10.80 41.32 23.51
C LEU B 158 9.98 41.79 24.71
N LEU B 159 10.55 41.74 25.90
CA LEU B 159 9.79 42.02 27.15
C LEU B 159 9.29 43.46 27.14
N SER B 160 10.14 44.40 26.72
CA SER B 160 9.84 45.86 26.67
C SER B 160 8.59 46.11 25.80
N ARG B 161 8.19 45.18 24.93
CA ARG B 161 7.14 45.40 23.90
C ARG B 161 5.82 44.73 24.29
N LEU B 162 5.80 44.03 25.43
CA LEU B 162 4.63 43.22 25.82
C LEU B 162 3.48 44.16 26.23
N GLU B 163 3.82 45.31 26.80
CA GLU B 163 2.80 46.29 27.28
C GLU B 163 1.92 46.64 26.08
N GLU B 164 2.53 46.91 24.93
CA GLU B 164 1.81 47.16 23.65
C GLU B 164 0.80 46.06 23.31
N ILE B 165 1.01 44.82 23.74
CA ILE B 165 0.15 43.68 23.27
C ILE B 165 -0.48 42.99 24.47
N ALA B 166 -0.74 43.74 25.54
CA ALA B 166 -1.30 43.19 26.80
C ALA B 166 -2.66 42.56 26.50
N GLU B 167 -3.38 43.03 25.49
CA GLU B 167 -4.76 42.58 25.21
C GLU B 167 -4.73 41.31 24.36
N GLU B 168 -5.44 40.27 24.81
CA GLU B 168 -5.63 39.01 24.05
C GLU B 168 -5.91 39.37 22.59
N GLY B 169 -5.13 38.85 21.65
CA GLY B 169 -5.43 38.96 20.22
C GLY B 169 -4.73 40.17 19.60
N SER B 170 -4.04 41.00 20.38
CA SER B 170 -3.33 42.19 19.86
C SER B 170 -1.96 41.79 19.35
N GLU B 171 -1.40 42.59 18.45
CA GLU B 171 -0.09 42.33 17.82
C GLU B 171 0.63 43.64 17.57
N THR B 172 1.92 43.57 17.29
CA THR B 172 2.80 44.75 17.06
C THR B 172 3.91 44.29 16.11
N GLN B 173 4.78 45.22 15.74
CA GLN B 173 5.95 44.99 14.86
C GLN B 173 7.17 45.38 15.69
N VAL B 174 8.17 44.52 15.74
CA VAL B 174 9.39 44.77 16.54
C VAL B 174 10.53 44.73 15.56
N PRO B 175 11.64 45.46 15.83
CA PRO B 175 12.84 45.33 15.03
C PRO B 175 13.38 43.90 15.02
N GLY B 176 13.99 43.53 13.89
CA GLY B 176 14.81 42.31 13.79
C GLY B 176 15.82 42.28 14.90
N LEU B 177 16.13 41.08 15.39
CA LEU B 177 17.08 40.85 16.51
C LEU B 177 17.83 39.54 16.26
N ASP B 178 18.93 39.35 16.97
CA ASP B 178 19.68 38.08 16.94
C ASP B 178 18.88 37.03 17.73
N ILE B 179 18.15 36.19 17.02
CA ILE B 179 17.31 35.13 17.66
C ILE B 179 18.22 34.16 18.42
N SER B 180 19.41 33.94 17.91
CA SER B 180 20.42 33.02 18.50
C SER B 180 20.94 33.56 19.83
N ALA B 181 20.87 34.88 20.05
CA ALA B 181 21.25 35.51 21.34
C ALA B 181 20.29 35.09 22.46
N LEU B 182 19.07 34.64 22.14
CA LEU B 182 18.07 34.16 23.14
C LEU B 182 18.41 32.76 23.68
N LEU B 183 19.45 32.12 23.13
CA LEU B 183 19.74 30.71 23.40
C LEU B 183 21.02 30.59 24.22
N PRO B 184 21.19 29.45 24.93
CA PRO B 184 22.33 29.25 25.82
C PRO B 184 23.66 29.25 25.07
N SER B 185 24.74 29.24 25.84
CA SER B 185 26.14 29.33 25.37
C SER B 185 26.56 28.10 24.53
N ASP B 186 26.32 26.86 24.98
CA ASP B 186 26.98 25.65 24.42
C ASP B 186 26.01 24.85 23.55
N PHE B 187 26.19 24.91 22.23
CA PHE B 187 25.30 24.21 21.26
C PHE B 187 25.64 22.72 21.15
N SER B 188 26.65 22.23 21.90
CA SER B 188 27.11 20.81 21.85
C SER B 188 26.45 20.02 22.99
N ARG B 189 25.70 20.70 23.85
CA ARG B 189 25.26 20.13 25.16
C ARG B 189 23.74 20.24 25.26
N TYR B 190 23.06 19.11 24.95
CA TYR B 190 21.57 19.08 24.89
C TYR B 190 21.07 17.66 25.17
N PHE B 191 19.81 17.62 25.56
CA PHE B 191 18.94 16.43 25.61
C PHE B 191 18.07 16.43 24.36
N GLN B 192 17.69 15.25 23.91
CA GLN B 192 16.86 15.09 22.69
C GLN B 192 15.95 13.87 22.83
N TYR B 193 14.68 14.06 22.46
CA TYR B 193 13.70 12.95 22.43
C TYR B 193 12.62 13.38 21.45
N GLU B 194 11.77 12.42 21.16
CA GLU B 194 10.64 12.55 20.25
C GLU B 194 9.35 12.51 21.06
N GLY B 195 8.50 13.51 20.84
CA GLY B 195 7.22 13.71 21.53
C GLY B 195 6.24 14.48 20.68
N SER B 196 5.53 15.42 21.32
CA SER B 196 4.33 16.08 20.78
C SER B 196 4.40 17.60 20.92
N LEU B 197 3.49 18.27 20.22
CA LEU B 197 3.15 19.66 20.55
C LEU B 197 2.56 19.62 21.97
N THR B 198 2.76 20.67 22.76
CA THR B 198 2.28 20.77 24.15
C THR B 198 0.97 21.54 24.22
N THR B 199 0.42 21.88 23.06
CA THR B 199 -0.91 22.51 22.89
C THR B 199 -1.68 21.66 21.89
N PRO B 200 -3.04 21.66 21.89
CA PRO B 200 -3.81 21.07 20.79
C PRO B 200 -3.34 21.62 19.44
N PRO B 201 -3.17 20.77 18.40
CA PRO B 201 -3.66 19.39 18.40
C PRO B 201 -2.80 18.24 18.98
N CYS B 202 -1.73 18.54 19.72
CA CYS B 202 -0.88 17.53 20.44
C CYS B 202 -0.32 16.49 19.47
N ALA B 203 0.01 16.91 18.25
CA ALA B 203 0.54 16.06 17.18
C ALA B 203 1.87 15.47 17.64
N GLN B 204 2.07 14.18 17.38
CA GLN B 204 3.31 13.43 17.71
C GLN B 204 4.32 13.52 16.55
N GLY B 205 5.53 12.99 16.76
CA GLY B 205 6.66 13.02 15.83
C GLY B 205 7.48 14.31 15.96
N VAL B 206 7.27 15.11 17.01
CA VAL B 206 8.06 16.36 17.18
C VAL B 206 9.42 16.01 17.83
N ILE B 207 10.53 16.41 17.21
CA ILE B 207 11.86 16.27 17.86
C ILE B 207 12.09 17.45 18.78
N TRP B 208 12.14 17.17 20.08
CA TRP B 208 12.48 18.13 21.16
C TRP B 208 13.99 18.08 21.45
N THR B 209 14.65 19.23 21.34
CA THR B 209 16.06 19.41 21.73
C THR B 209 16.06 20.41 22.85
N VAL B 210 16.43 19.96 24.05
CA VAL B 210 16.43 20.77 25.29
C VAL B 210 17.88 21.05 25.68
N PHE B 211 18.29 22.31 25.58
CA PHE B 211 19.65 22.72 25.95
C PHE B 211 19.88 22.32 27.40
N GLN B 212 21.08 21.83 27.66
CA GLN B 212 21.55 21.56 29.02
C GLN B 212 21.77 22.86 29.81
N GLN B 213 22.41 23.86 29.26
CA GLN B 213 22.61 25.15 29.98
C GLN B 213 21.37 26.04 29.86
N THR B 214 21.19 26.93 30.82
CA THR B 214 20.04 27.85 30.87
C THR B 214 20.49 29.25 30.42
N VAL B 215 19.50 30.11 30.18
CA VAL B 215 19.73 31.56 29.98
C VAL B 215 19.20 32.25 31.23
N MET B 216 19.78 33.40 31.57
CA MET B 216 19.39 34.16 32.78
C MET B 216 18.73 35.48 32.39
N LEU B 217 17.62 35.76 33.04
CA LEU B 217 16.87 37.04 33.00
C LEU B 217 16.83 37.57 34.46
N SER B 218 16.86 38.89 34.65
CA SER B 218 16.64 39.55 35.96
C SER B 218 15.23 39.19 36.49
N ALA B 219 14.99 39.37 37.79
CA ALA B 219 13.68 39.16 38.43
C ALA B 219 12.61 40.06 37.80
N LYS B 220 12.93 41.33 37.52
CA LYS B 220 11.97 42.29 36.90
C LYS B 220 11.52 41.72 35.55
N GLN B 221 12.49 41.27 34.74
CA GLN B 221 12.25 40.65 33.39
C GLN B 221 11.27 39.49 33.53
N LEU B 222 11.54 38.58 34.45
CA LEU B 222 10.64 37.43 34.65
C LEU B 222 9.28 37.93 35.12
N HIS B 223 9.25 38.97 35.97
CA HIS B 223 7.97 39.57 36.45
C HIS B 223 7.25 40.22 35.25
N THR B 224 7.97 40.94 34.40
CA THR B 224 7.39 41.51 33.16
C THR B 224 6.74 40.42 32.31
N LEU B 225 7.42 39.28 32.11
CA LEU B 225 6.92 38.18 31.24
C LEU B 225 5.58 37.64 31.77
N SER B 226 5.48 37.44 33.08
CA SER B 226 4.35 36.68 33.71
C SER B 226 3.18 37.61 34.04
N ASP B 227 3.38 38.93 34.05
CA ASP B 227 2.40 39.86 34.65
C ASP B 227 1.97 40.94 33.66
N THR B 228 2.30 40.86 32.36
CA THR B 228 1.88 41.90 31.37
C THR B 228 0.70 41.46 30.51
N LEU B 229 0.64 40.20 30.08
CA LEU B 229 -0.33 39.79 29.03
C LEU B 229 -1.62 39.29 29.68
N TRP B 230 -2.73 39.52 28.98
CA TRP B 230 -4.09 39.07 29.33
C TRP B 230 -4.53 38.02 28.31
N GLY B 231 -5.22 36.97 28.77
CA GLY B 231 -5.68 35.81 27.99
C GLY B 231 -7.19 35.76 27.88
N PRO B 232 -7.78 34.58 27.53
CA PRO B 232 -9.24 34.43 27.42
C PRO B 232 -9.97 34.68 28.74
N GLY B 233 -12.24 35.64 28.19
CA GLY B 233 -12.34 35.95 29.64
C GLY B 233 -11.47 37.13 30.04
N ASP B 234 -11.51 37.49 31.32
CA ASP B 234 -10.78 38.64 31.90
C ASP B 234 -9.58 38.08 32.66
N SER B 235 -8.91 37.08 32.07
CA SER B 235 -7.88 36.23 32.72
C SER B 235 -6.48 36.80 32.47
N ARG B 236 -5.60 36.75 33.47
CA ARG B 236 -4.14 36.97 33.28
C ARG B 236 -3.58 35.81 32.44
N LEU B 237 -2.71 36.11 31.48
CA LEU B 237 -2.04 35.05 30.68
C LEU B 237 -0.83 34.59 31.49
N GLN B 238 -1.00 33.50 32.24
CA GLN B 238 -0.02 32.97 33.22
C GLN B 238 -0.09 31.45 33.28
N LEU B 239 0.92 30.80 33.84
CA LEU B 239 0.96 29.30 33.99
C LEU B 239 0.56 28.61 32.68
N ASN B 240 1.10 29.05 31.54
CA ASN B 240 0.68 28.58 30.21
C ASN B 240 1.60 27.41 29.85
N PHE B 241 1.72 26.45 30.78
CA PHE B 241 2.52 25.22 30.58
C PHE B 241 1.62 23.99 30.73
N ARG B 242 1.90 22.97 29.94
CA ARG B 242 1.25 21.65 30.11
C ARG B 242 1.93 20.88 31.24
N ALA B 243 1.17 20.04 31.95
CA ALA B 243 1.68 19.01 32.90
C ALA B 243 2.64 18.02 32.20
N THR B 244 3.63 17.48 32.94
CA THR B 244 4.68 16.60 32.35
C THR B 244 3.97 15.28 32.05
N GLN B 245 4.37 14.61 30.98
CA GLN B 245 3.77 13.38 30.44
C GLN B 245 4.77 12.26 30.62
N PRO B 246 4.29 11.01 30.74
CA PRO B 246 5.19 9.85 30.91
C PRO B 246 5.96 9.55 29.62
N LEU B 247 7.22 9.15 29.75
CA LEU B 247 8.05 8.77 28.59
C LEU B 247 7.49 7.52 27.93
N ASN B 248 6.83 6.66 28.70
CA ASN B 248 6.26 5.41 28.15
C ASN B 248 7.31 4.64 27.36
N GLY B 249 8.50 4.50 27.90
CA GLY B 249 9.50 3.64 27.25
C GLY B 249 10.50 4.43 26.44
N ARG B 250 10.17 5.67 26.05
CA ARG B 250 11.11 6.48 25.26
C ARG B 250 12.32 6.75 26.15
N VAL B 251 13.51 6.75 25.56
CA VAL B 251 14.76 7.07 26.30
C VAL B 251 15.21 8.44 25.79
N ILE B 252 15.43 9.34 26.71
CA ILE B 252 15.96 10.69 26.39
C ILE B 252 17.44 10.52 26.08
N GLU B 253 17.89 11.07 24.94
CA GLU B 253 19.33 11.04 24.57
C GLU B 253 20.02 12.32 25.07
N ALA B 254 21.33 12.21 25.25
CA ALA B 254 22.21 13.32 25.68
C ALA B 254 23.38 13.37 24.72
N SER B 255 23.84 14.58 24.43
CA SER B 255 24.92 14.83 23.46
C SER B 255 26.28 14.85 24.19
N PHE B 256 26.30 14.54 25.46
CA PHE B 256 27.49 14.66 26.31
C PHE B 256 27.45 13.55 27.34
N PRO B 257 28.65 13.04 27.72
CA PRO B 257 28.78 11.93 28.66
C PRO B 257 28.42 12.32 30.09
N TRP C 7 -4.72 18.56 -13.61
CA TRP C 7 -6.11 18.58 -14.21
C TRP C 7 -7.07 19.41 -13.34
N ARG C 8 -7.99 20.16 -13.97
CA ARG C 8 -9.07 20.96 -13.31
C ARG C 8 -10.44 20.30 -13.59
N TYR C 9 -11.52 20.70 -12.92
CA TYR C 9 -12.92 20.30 -13.24
C TYR C 9 -13.50 21.32 -14.22
N GLY C 10 -14.29 20.84 -15.19
CA GLY C 10 -14.93 21.63 -16.26
C GLY C 10 -14.05 22.75 -16.77
N GLY C 11 -12.90 22.42 -17.38
CA GLY C 11 -11.93 23.39 -17.93
C GLY C 11 -10.53 22.82 -18.02
N ASP C 12 -9.84 23.04 -19.15
CA ASP C 12 -8.60 22.37 -19.63
C ASP C 12 -7.57 22.17 -18.52
N PRO C 13 -6.69 21.15 -18.62
CA PRO C 13 -6.71 20.18 -19.72
C PRO C 13 -7.79 19.11 -19.49
N PRO C 14 -7.80 18.96 -22.19
CA PRO C 14 -8.45 17.63 -22.27
C PRO C 14 -7.91 16.65 -21.22
N TRP C 15 -8.80 15.93 -20.52
CA TRP C 15 -8.52 14.76 -19.63
C TRP C 15 -7.76 13.66 -20.40
N PRO C 16 -8.12 13.34 -21.68
CA PRO C 16 -7.33 12.38 -22.48
C PRO C 16 -5.87 12.80 -22.75
N ARG C 17 -5.54 14.11 -22.73
CA ARG C 17 -4.14 14.63 -22.73
C ARG C 17 -3.42 14.14 -21.46
N VAL C 18 -4.13 14.05 -20.33
CA VAL C 18 -3.64 13.66 -18.97
C VAL C 18 -3.53 12.12 -18.89
N SER C 19 -4.52 11.37 -19.39
CA SER C 19 -4.52 9.87 -19.39
C SER C 19 -5.38 9.37 -20.54
N PRO C 20 -4.79 8.57 -21.47
CA PRO C 20 -5.54 7.95 -22.57
C PRO C 20 -6.78 7.20 -22.06
N ALA C 21 -6.70 6.62 -20.86
CA ALA C 21 -7.78 5.78 -20.30
C ALA C 21 -9.06 6.60 -20.09
N CYS C 22 -8.97 7.95 -20.00
CA CYS C 22 -10.16 8.83 -19.83
C CYS C 22 -11.00 8.84 -21.11
N ALA C 23 -10.52 8.18 -22.16
CA ALA C 23 -11.15 8.03 -23.49
C ALA C 23 -11.58 6.58 -23.69
N GLY C 24 -11.58 5.75 -22.65
CA GLY C 24 -12.09 4.37 -22.79
C GLY C 24 -13.59 4.31 -23.08
N ARG C 25 -14.05 3.16 -23.54
CA ARG C 25 -15.47 2.93 -23.93
C ARG C 25 -16.32 2.69 -22.69
N PHE C 26 -15.72 2.25 -21.56
CA PHE C 26 -16.44 1.74 -20.36
C PHE C 26 -16.10 2.57 -19.13
N GLN C 27 -16.56 3.80 -19.13
CA GLN C 27 -16.24 4.84 -18.12
C GLN C 27 -17.39 4.96 -17.14
N SER C 28 -17.09 5.60 -16.02
CA SER C 28 -18.02 5.92 -14.92
C SER C 28 -17.97 7.42 -14.78
N PRO C 29 -18.96 8.11 -14.18
CA PRO C 29 -20.16 7.48 -13.66
C PRO C 29 -21.16 7.27 -14.81
N VAL C 30 -22.28 6.63 -14.50
CA VAL C 30 -23.34 6.26 -15.47
C VAL C 30 -24.69 6.66 -14.89
N ASP C 31 -25.68 6.73 -15.77
CA ASP C 31 -27.12 6.92 -15.43
C ASP C 31 -27.71 5.53 -15.22
N ILE C 32 -28.15 5.25 -14.01
CA ILE C 32 -28.74 3.96 -13.58
C ILE C 32 -30.24 4.02 -13.90
N ARG C 33 -30.71 3.07 -14.69
CA ARG C 33 -32.14 2.93 -15.08
C ARG C 33 -32.64 1.63 -14.47
N PRO C 34 -33.26 1.67 -13.29
CA PRO C 34 -33.59 0.42 -12.60
C PRO C 34 -34.42 -0.55 -13.45
N GLN C 35 -35.23 -0.04 -14.39
CA GLN C 35 -36.06 -0.85 -15.33
C GLN C 35 -35.12 -1.74 -16.16
N LEU C 36 -33.95 -1.24 -16.58
CA LEU C 36 -33.01 -1.97 -17.48
C LEU C 36 -31.96 -2.78 -16.70
N ALA C 37 -32.02 -2.79 -15.38
CA ALA C 37 -31.00 -3.48 -14.55
C ALA C 37 -31.37 -4.95 -14.56
N ALA C 38 -30.39 -5.83 -14.50
CA ALA C 38 -30.61 -7.28 -14.51
C ALA C 38 -30.58 -7.75 -13.06
N PHE C 39 -31.70 -8.28 -12.58
CA PHE C 39 -31.78 -8.90 -11.24
C PHE C 39 -30.79 -10.08 -11.22
N SER C 40 -29.86 -10.08 -10.27
CA SER C 40 -28.85 -11.16 -10.15
C SER C 40 -28.77 -11.67 -8.72
N PRO C 41 -29.48 -12.76 -8.42
CA PRO C 41 -29.56 -13.29 -7.06
C PRO C 41 -28.24 -13.79 -6.47
N ALA C 42 -27.19 -13.95 -7.29
CA ALA C 42 -25.82 -14.27 -6.82
C ALA C 42 -25.27 -13.13 -5.95
N LEU C 43 -25.81 -11.92 -6.10
CA LEU C 43 -25.33 -10.70 -5.43
C LEU C 43 -25.83 -10.71 -3.99
N ARG C 44 -24.94 -11.10 -3.07
CA ARG C 44 -25.26 -11.26 -1.63
C ARG C 44 -25.01 -9.92 -0.93
N PRO C 45 -25.48 -9.76 0.33
CA PRO C 45 -25.18 -8.55 1.11
C PRO C 45 -23.68 -8.31 1.24
N LEU C 46 -23.27 -7.05 1.16
CA LEU C 46 -21.84 -6.64 1.31
C LEU C 46 -21.46 -6.86 2.77
N GLU C 47 -20.22 -7.21 3.03
CA GLU C 47 -19.73 -7.45 4.40
C GLU C 47 -18.52 -6.57 4.61
N LEU C 48 -18.54 -5.85 5.74
CA LEU C 48 -17.47 -4.90 6.17
C LEU C 48 -16.89 -5.41 7.48
N LEU C 49 -15.58 -5.58 7.58
CA LEU C 49 -14.90 -5.77 8.87
C LEU C 49 -13.88 -4.64 9.07
N GLY C 50 -13.76 -4.16 10.31
CA GLY C 50 -12.71 -3.20 10.75
C GLY C 50 -13.10 -1.75 10.52
N PHE C 51 -14.34 -1.45 10.14
CA PHE C 51 -14.77 -0.09 9.78
C PHE C 51 -15.07 0.75 11.03
N GLN C 52 -15.31 0.13 12.18
CA GLN C 52 -15.61 0.86 13.44
C GLN C 52 -14.31 1.24 14.12
N LEU C 53 -13.79 2.42 13.79
CA LEU C 53 -12.41 2.81 14.18
C LEU C 53 -12.45 3.47 15.55
N PRO C 54 -11.39 3.27 16.37
CA PRO C 54 -11.24 4.02 17.62
C PRO C 54 -10.74 5.42 17.31
N PRO C 55 -10.83 6.36 18.27
CA PRO C 55 -10.41 7.73 18.04
C PRO C 55 -8.93 7.86 17.64
N LEU C 56 -8.04 7.04 18.18
CA LEU C 56 -6.60 7.04 17.81
C LEU C 56 -6.26 5.70 17.18
N PRO C 57 -5.36 5.65 16.19
CA PRO C 57 -4.72 6.87 15.68
C PRO C 57 -5.64 7.75 14.81
N GLU C 58 -5.33 9.03 14.70
CA GLU C 58 -6.10 9.96 13.85
C GLU C 58 -5.86 9.65 12.37
N LEU C 59 -6.74 10.14 11.52
CA LEU C 59 -6.78 9.96 10.05
C LEU C 59 -6.47 11.32 9.38
N ARG C 60 -5.84 11.33 8.23
CA ARG C 60 -5.56 12.58 7.47
C ARG C 60 -6.79 12.92 6.63
N LEU C 61 -7.29 14.13 6.78
CA LEU C 61 -8.41 14.69 6.01
C LEU C 61 -7.84 15.83 5.21
N ARG C 62 -7.87 15.70 3.90
CA ARG C 62 -7.16 16.61 2.99
C ARG C 62 -8.15 17.26 1.99
N ASN C 63 -7.98 18.55 1.77
CA ASN C 63 -8.51 19.26 0.57
C ASN C 63 -7.44 19.10 -0.52
N ASN C 64 -7.64 18.17 -1.45
CA ASN C 64 -6.66 17.96 -2.54
C ASN C 64 -7.00 18.91 -3.70
N GLY C 65 -7.93 19.85 -3.52
CA GLY C 65 -8.38 20.80 -4.58
C GLY C 65 -9.34 20.17 -5.58
N HIS C 66 -9.69 18.89 -5.44
CA HIS C 66 -10.69 18.18 -6.27
C HIS C 66 -11.83 17.66 -5.40
N SER C 67 -11.52 17.19 -4.19
CA SER C 67 -12.53 16.74 -3.19
C SER C 67 -11.94 16.94 -1.79
N VAL C 68 -12.69 16.56 -0.77
CA VAL C 68 -12.16 16.28 0.57
C VAL C 68 -11.95 14.77 0.62
N GLN C 69 -10.71 14.35 0.89
CA GLN C 69 -10.31 12.92 0.92
C GLN C 69 -9.95 12.52 2.36
N LEU C 70 -10.49 11.42 2.84
CA LEU C 70 -10.12 10.88 4.15
C LEU C 70 -9.30 9.62 3.87
N THR C 71 -8.03 9.62 4.28
CA THR C 71 -7.14 8.44 4.13
C THR C 71 -7.51 7.43 5.21
N LEU C 72 -7.80 6.19 4.80
CA LEU C 72 -8.26 5.14 5.74
C LEU C 72 -7.08 4.28 6.15
N PRO C 73 -7.07 3.73 7.36
CA PRO C 73 -5.91 2.98 7.84
C PRO C 73 -5.96 1.55 7.33
N PRO C 74 -4.88 0.77 7.52
CA PRO C 74 -4.93 -0.66 7.25
C PRO C 74 -5.93 -1.33 8.20
N GLY C 75 -6.52 -2.63 7.55
CA GLY C 75 -7.46 -3.30 8.46
C GLY C 75 -8.90 -3.18 8.06
N LEU C 76 -9.29 -2.35 7.08
CA LEU C 76 -10.73 -2.22 6.71
C LEU C 76 -10.99 -3.17 5.52
N GLU C 77 -11.64 -4.29 5.80
CA GLU C 77 -11.87 -5.38 4.83
C GLU C 77 -13.31 -5.30 4.35
N MET C 78 -13.48 -5.55 3.06
CA MET C 78 -14.80 -5.47 2.40
C MET C 78 -14.91 -6.63 1.44
N ALA C 79 -15.97 -7.43 1.55
CA ALA C 79 -16.26 -8.54 0.59
C ALA C 79 -17.51 -8.20 -0.23
N LEU C 80 -17.39 -8.23 -1.56
CA LEU C 80 -18.55 -8.10 -2.49
C LEU C 80 -19.28 -9.44 -2.56
N GLY C 81 -18.61 -10.52 -2.16
CA GLY C 81 -19.22 -11.85 -2.11
C GLY C 81 -18.13 -12.88 -1.97
N PRO C 82 -18.37 -14.25 -1.46
CA PRO C 82 -17.34 -15.33 -1.47
C PRO C 82 -16.23 -15.09 -2.52
N GLY C 83 -14.99 -15.02 -2.06
CA GLY C 83 -13.81 -14.94 -2.94
C GLY C 83 -13.55 -13.55 -3.51
N ARG C 84 -14.35 -12.52 -3.20
CA ARG C 84 -14.21 -11.16 -3.81
C ARG C 84 -13.85 -10.15 -2.71
N GLU C 85 -12.59 -10.12 -2.33
CA GLU C 85 -12.10 -9.46 -1.10
C GLU C 85 -11.27 -8.22 -1.41
N TYR C 86 -11.52 -7.18 -0.63
CA TYR C 86 -10.96 -5.82 -0.85
C TYR C 86 -10.55 -5.23 0.50
N ARG C 87 -9.70 -4.21 0.43
CA ARG C 87 -9.26 -3.40 1.58
C ARG C 87 -9.52 -1.93 1.25
N ALA C 88 -10.10 -1.19 2.18
CA ALA C 88 -10.44 0.24 2.00
C ALA C 88 -9.15 1.06 2.00
N LEU C 89 -8.99 2.00 1.06
CA LEU C 89 -7.85 2.94 0.95
C LEU C 89 -8.25 4.33 1.44
N GLN C 90 -9.43 4.81 1.02
CA GLN C 90 -9.82 6.21 1.28
C GLN C 90 -11.30 6.40 0.96
N LEU C 91 -11.82 7.53 1.38
CA LEU C 91 -13.17 7.95 0.95
C LEU C 91 -13.10 9.43 0.61
N HIS C 92 -14.01 9.86 -0.24
CA HIS C 92 -14.07 11.27 -0.67
C HIS C 92 -15.51 11.51 -1.11
N LEU C 93 -15.83 12.75 -1.45
CA LEU C 93 -17.22 13.12 -1.78
C LEU C 93 -17.28 13.95 -3.05
N HIS C 94 -18.45 13.90 -3.66
CA HIS C 94 -18.78 14.69 -4.85
C HIS C 94 -20.05 15.45 -4.45
N TRP C 95 -20.08 16.74 -4.75
CA TRP C 95 -21.18 17.66 -4.36
C TRP C 95 -21.39 18.74 -5.42
N GLY C 96 -22.45 19.54 -5.25
CA GLY C 96 -22.78 20.60 -6.21
C GLY C 96 -22.45 21.98 -5.68
N ALA C 97 -23.50 22.80 -5.52
CA ALA C 97 -23.45 24.24 -5.20
C ALA C 97 -24.86 24.64 -4.77
N ALA C 98 -25.05 25.85 -4.27
CA ALA C 98 -26.36 26.32 -3.75
C ALA C 98 -27.44 25.99 -4.80
N GLY C 99 -28.43 25.18 -4.42
CA GLY C 99 -29.56 24.74 -5.27
C GLY C 99 -29.15 24.01 -6.55
N ARG C 100 -27.98 23.37 -6.59
CA ARG C 100 -27.51 22.56 -7.75
C ARG C 100 -26.99 21.23 -7.23
N PRO C 101 -27.61 20.08 -7.60
CA PRO C 101 -27.20 18.79 -7.07
C PRO C 101 -25.84 18.42 -7.69
N GLY C 102 -25.08 17.50 -7.06
CA GLY C 102 -23.73 17.17 -7.56
C GLY C 102 -23.30 15.73 -7.39
N SER C 103 -24.23 14.78 -7.22
CA SER C 103 -23.92 13.33 -7.28
C SER C 103 -23.27 13.00 -8.63
N GLU C 104 -22.51 11.90 -8.69
CA GLU C 104 -21.81 11.50 -9.93
C GLU C 104 -22.75 10.60 -10.72
N HIS C 105 -23.20 9.54 -10.09
CA HIS C 105 -24.25 8.64 -10.60
C HIS C 105 -25.58 9.42 -10.59
N THR C 106 -26.45 9.10 -11.55
CA THR C 106 -27.83 9.61 -11.63
C THR C 106 -28.75 8.40 -11.68
N VAL C 107 -30.00 8.56 -11.24
CA VAL C 107 -31.02 7.49 -11.38
C VAL C 107 -32.14 8.03 -12.28
N GLU C 108 -32.30 7.42 -13.47
CA GLU C 108 -33.29 7.83 -14.50
C GLU C 108 -33.15 9.34 -14.69
N GLY C 109 -31.93 9.85 -14.65
CA GLY C 109 -31.63 11.25 -15.02
C GLY C 109 -31.60 12.16 -13.82
N HIS C 110 -32.11 11.72 -12.67
CA HIS C 110 -32.13 12.51 -11.41
C HIS C 110 -30.73 12.53 -10.75
N ARG C 111 -30.17 13.72 -10.56
CA ARG C 111 -28.90 13.95 -9.83
C ARG C 111 -29.23 14.28 -8.38
N PHE C 112 -28.64 13.54 -7.42
CA PHE C 112 -28.80 13.75 -5.96
C PHE C 112 -27.85 14.86 -5.51
N PRO C 113 -28.12 15.47 -4.33
CA PRO C 113 -27.31 16.60 -3.85
C PRO C 113 -25.80 16.29 -3.79
N ALA C 114 -25.42 15.10 -3.30
CA ALA C 114 -23.99 14.69 -3.23
C ALA C 114 -23.83 13.16 -3.23
N GLU C 115 -22.58 12.68 -3.24
CA GLU C 115 -22.31 11.21 -3.28
C GLU C 115 -21.03 10.96 -2.50
N ILE C 116 -21.02 9.89 -1.70
CA ILE C 116 -19.80 9.41 -1.00
C ILE C 116 -19.26 8.19 -1.76
N HIS C 117 -17.95 8.17 -1.95
CA HIS C 117 -17.21 7.02 -2.52
C HIS C 117 -16.20 6.51 -1.49
N VAL C 118 -16.25 5.21 -1.22
CA VAL C 118 -15.20 4.47 -0.46
C VAL C 118 -14.43 3.58 -1.44
N VAL C 119 -13.20 3.97 -1.73
CA VAL C 119 -12.34 3.31 -2.76
C VAL C 119 -11.55 2.18 -2.08
N HIS C 120 -11.58 1.00 -2.68
CA HIS C 120 -10.98 -0.24 -2.15
C HIS C 120 -10.04 -0.90 -3.16
N LEU C 121 -9.02 -1.60 -2.65
CA LEU C 121 -8.02 -2.33 -3.47
C LEU C 121 -8.25 -3.82 -3.28
N SER C 122 -8.20 -4.58 -4.37
CA SER C 122 -8.32 -6.05 -4.30
C SER C 122 -7.11 -6.59 -3.49
N THR C 123 -7.36 -7.56 -2.62
CA THR C 123 -6.34 -8.22 -1.78
C THR C 123 -5.44 -9.10 -2.65
N ALA C 124 -5.69 -9.19 -4.22
CA ALA C 124 -4.69 -9.87 -5.07
C ALA C 124 -3.55 -8.92 -5.39
N PHE C 125 -3.67 -7.65 -5.03
CA PHE C 125 -2.72 -6.58 -5.41
C PHE C 125 -2.16 -5.88 -4.16
N ALA C 126 -0.86 -5.67 -4.17
CA ALA C 126 -0.12 -4.97 -3.10
C ALA C 126 -0.27 -3.47 -3.29
N ARG C 127 -0.33 -2.99 -4.52
CA ARG C 127 -0.30 -1.55 -4.83
C ARG C 127 -1.43 -1.19 -5.79
N VAL C 128 -1.93 0.02 -5.65
CA VAL C 128 -2.90 0.61 -6.60
C VAL C 128 -2.35 0.55 -8.04
N ASP C 129 -1.10 0.93 -8.27
CA ASP C 129 -0.55 1.00 -9.65
C ASP C 129 -0.63 -0.37 -10.34
N GLU C 130 -0.48 -1.50 -9.64
CA GLU C 130 -0.66 -2.87 -10.22
C GLU C 130 -2.17 -3.14 -10.50
N ALA C 131 -3.08 -2.53 -9.76
CA ALA C 131 -4.51 -2.88 -9.84
C ALA C 131 -5.18 -2.05 -10.95
N LEU C 132 -4.62 -0.90 -11.32
CA LEU C 132 -5.32 0.03 -12.25
C LEU C 132 -5.50 -0.71 -13.56
N GLY C 133 -6.71 -0.69 -14.13
CA GLY C 133 -6.97 -1.27 -15.45
C GLY C 133 -7.11 -2.77 -15.39
N ARG C 134 -6.91 -3.40 -14.22
CA ARG C 134 -7.02 -4.87 -14.11
C ARG C 134 -8.43 -5.20 -13.66
N PRO C 135 -9.01 -6.34 -14.10
CA PRO C 135 -10.40 -6.65 -13.81
C PRO C 135 -10.61 -6.82 -12.30
N GLY C 136 -11.50 -6.01 -11.73
CA GLY C 136 -11.86 -6.08 -10.31
C GLY C 136 -10.72 -5.68 -9.39
N GLY C 137 -9.68 -5.02 -9.94
CA GLY C 137 -8.52 -4.53 -9.18
C GLY C 137 -8.91 -3.51 -8.13
N LEU C 138 -9.79 -2.57 -8.48
CA LEU C 138 -10.36 -1.59 -7.54
C LEU C 138 -11.87 -1.79 -7.47
N ALA C 139 -12.44 -1.55 -6.32
CA ALA C 139 -13.91 -1.53 -6.10
C ALA C 139 -14.29 -0.28 -5.34
N VAL C 140 -15.33 0.40 -5.79
CA VAL C 140 -15.84 1.62 -5.08
C VAL C 140 -17.24 1.32 -4.54
N LEU C 141 -17.45 1.61 -3.26
CA LEU C 141 -18.80 1.65 -2.65
C LEU C 141 -19.29 3.09 -2.76
N ALA C 142 -20.46 3.29 -3.37
CA ALA C 142 -20.98 4.65 -3.61
C ALA C 142 -22.37 4.74 -2.95
N ALA C 143 -22.65 5.84 -2.29
CA ALA C 143 -24.00 6.14 -1.77
C ALA C 143 -24.35 7.59 -2.10
N PHE C 144 -25.62 7.79 -2.41
CA PHE C 144 -26.20 9.14 -2.61
C PHE C 144 -26.42 9.78 -1.24
N LEU C 145 -26.16 11.08 -1.14
CA LEU C 145 -26.54 11.92 0.01
C LEU C 145 -27.74 12.79 -0.42
N GLU C 146 -28.76 12.81 0.42
CA GLU C 146 -30.05 13.53 0.20
C GLU C 146 -30.34 14.42 1.41
N GLU C 147 -31.00 15.55 1.16
CA GLU C 147 -31.50 16.46 2.23
C GLU C 147 -32.46 15.67 3.12
N GLY C 148 -32.19 15.67 4.42
CA GLY C 148 -33.07 15.10 5.46
C GLY C 148 -33.43 16.17 6.49
N PRO C 149 -34.43 15.91 7.35
CA PRO C 149 -34.77 16.84 8.42
C PRO C 149 -33.73 16.88 9.56
N GLU C 150 -33.13 15.75 9.97
CA GLU C 150 -32.14 15.72 11.09
C GLU C 150 -30.71 15.95 10.58
N GLU C 151 -29.87 16.49 11.46
CA GLU C 151 -28.39 16.52 11.34
C GLU C 151 -27.88 15.06 11.38
N ASN C 152 -27.07 14.64 10.41
CA ASN C 152 -26.37 13.33 10.46
C ASN C 152 -25.13 13.55 11.31
N SER C 153 -25.05 12.88 12.45
CA SER C 153 -23.98 13.05 13.45
C SER C 153 -22.74 12.21 13.06
N ALA C 154 -22.90 11.14 12.26
CA ALA C 154 -21.74 10.45 11.64
C ALA C 154 -21.03 11.48 10.74
N TYR C 155 -21.75 12.17 9.87
CA TYR C 155 -21.18 13.16 8.92
C TYR C 155 -20.66 14.40 9.67
N GLU C 156 -21.31 14.80 10.77
CA GLU C 156 -20.95 16.04 11.51
C GLU C 156 -19.47 16.02 11.93
N GLN C 157 -18.96 14.86 12.35
CA GLN C 157 -17.53 14.62 12.71
C GLN C 157 -16.55 15.07 11.63
N LEU C 158 -16.90 14.93 10.36
CA LEU C 158 -16.04 15.37 9.25
C LEU C 158 -16.43 16.77 8.80
N LEU C 159 -17.73 17.04 8.71
CA LEU C 159 -18.21 18.34 8.14
C LEU C 159 -17.74 19.48 9.06
N SER C 160 -17.67 19.21 10.37
CA SER C 160 -17.19 20.21 11.38
C SER C 160 -15.72 20.54 11.18
N ARG C 161 -14.92 19.70 10.49
CA ARG C 161 -13.47 19.95 10.27
C ARG C 161 -13.15 20.62 8.92
N LEU C 162 -14.15 20.81 8.04
CA LEU C 162 -13.88 21.33 6.68
C LEU C 162 -13.30 22.73 6.75
N GLU C 163 -13.74 23.53 7.73
CA GLU C 163 -13.27 24.95 7.84
C GLU C 163 -11.75 24.95 7.98
N GLU C 164 -11.19 24.01 8.72
CA GLU C 164 -9.72 23.92 8.94
C GLU C 164 -9.01 23.68 7.62
N ILE C 165 -9.66 23.08 6.64
CA ILE C 165 -8.96 22.74 5.37
C ILE C 165 -9.58 23.50 4.19
N ALA C 166 -10.13 24.69 4.42
CA ALA C 166 -10.71 25.50 3.33
C ALA C 166 -9.66 25.72 2.25
N GLU C 167 -8.41 25.92 2.63
CA GLU C 167 -7.37 26.23 1.62
C GLU C 167 -7.15 24.99 0.74
N GLU C 168 -7.06 25.19 -0.57
CA GLU C 168 -6.62 24.15 -1.54
C GLU C 168 -5.26 23.57 -1.10
N GLY C 169 -5.14 22.26 -1.05
CA GLY C 169 -3.88 21.58 -0.68
C GLY C 169 -3.62 21.51 0.83
N SER C 170 -4.62 21.80 1.67
CA SER C 170 -4.47 21.84 3.13
C SER C 170 -4.99 20.51 3.70
N GLU C 171 -4.49 20.14 4.87
CA GLU C 171 -4.90 18.87 5.50
C GLU C 171 -4.95 19.03 7.01
N THR C 172 -5.66 18.14 7.65
CA THR C 172 -5.79 18.11 9.12
C THR C 172 -5.89 16.64 9.55
N GLN C 173 -5.58 16.38 10.81
CA GLN C 173 -5.74 15.06 11.47
C GLN C 173 -7.09 15.10 12.20
N VAL C 174 -7.92 14.08 12.01
CA VAL C 174 -9.24 13.95 12.67
C VAL C 174 -9.30 12.60 13.39
N PRO C 175 -10.07 12.49 14.48
CA PRO C 175 -10.19 11.23 15.20
C PRO C 175 -10.82 10.17 14.29
N GLY C 176 -10.45 8.91 14.50
CA GLY C 176 -11.12 7.77 13.90
C GLY C 176 -12.59 7.76 14.27
N LEU C 177 -13.41 7.16 13.44
CA LEU C 177 -14.88 7.16 13.63
C LEU C 177 -15.42 5.91 12.96
N ASP C 178 -16.67 5.60 13.23
CA ASP C 178 -17.37 4.51 12.53
C ASP C 178 -17.53 4.83 11.04
N ILE C 179 -16.63 4.32 10.20
CA ILE C 179 -16.69 4.60 8.74
C ILE C 179 -17.98 4.02 8.18
N SER C 180 -18.44 2.87 8.65
CA SER C 180 -19.68 2.24 8.12
C SER C 180 -20.90 3.12 8.41
N ALA C 181 -20.81 4.07 9.34
CA ALA C 181 -21.98 4.89 9.72
C ALA C 181 -22.13 6.04 8.72
N LEU C 182 -21.20 6.20 7.76
CA LEU C 182 -21.32 7.23 6.71
C LEU C 182 -22.06 6.63 5.51
N LEU C 183 -22.32 5.32 5.56
CA LEU C 183 -23.00 4.54 4.48
C LEU C 183 -24.42 4.17 4.91
N PRO C 184 -25.28 3.80 3.95
CA PRO C 184 -26.63 3.32 4.31
C PRO C 184 -26.55 2.09 5.22
N SER C 185 -27.62 1.85 5.99
CA SER C 185 -27.75 0.64 6.85
C SER C 185 -28.07 -0.60 6.01
N ASP C 186 -28.74 -0.43 4.87
CA ASP C 186 -29.12 -1.56 3.97
C ASP C 186 -27.96 -1.93 3.02
N PHE C 187 -27.24 -3.02 3.33
CA PHE C 187 -26.06 -3.52 2.58
C PHE C 187 -26.49 -4.63 1.61
N SER C 188 -27.80 -4.87 1.46
CA SER C 188 -28.38 -6.01 0.69
C SER C 188 -28.93 -5.56 -0.68
N ARG C 189 -29.32 -4.29 -0.78
CA ARG C 189 -29.98 -3.68 -1.98
C ARG C 189 -29.04 -2.69 -2.66
N TYR C 190 -28.61 -3.03 -3.87
CA TYR C 190 -27.58 -2.24 -4.58
C TYR C 190 -27.61 -2.61 -6.05
N PHE C 191 -27.09 -1.67 -6.86
CA PHE C 191 -26.71 -1.87 -8.26
C PHE C 191 -25.20 -2.13 -8.31
N GLN C 192 -24.75 -2.99 -9.24
CA GLN C 192 -23.30 -3.23 -9.46
C GLN C 192 -23.01 -3.18 -10.96
N TYR C 193 -21.95 -2.50 -11.34
CA TYR C 193 -21.45 -2.52 -12.73
C TYR C 193 -19.94 -2.32 -12.73
N GLU C 194 -19.35 -2.64 -13.88
CA GLU C 194 -17.91 -2.46 -14.14
C GLU C 194 -17.72 -1.17 -14.91
N GLY C 195 -16.84 -0.31 -14.41
CA GLY C 195 -16.52 0.98 -15.04
C GLY C 195 -15.11 1.40 -14.75
N SER C 196 -14.97 2.67 -14.41
CA SER C 196 -13.67 3.39 -14.40
C SER C 196 -13.63 4.26 -13.15
N LEU C 197 -12.43 4.76 -12.86
CA LEU C 197 -12.25 5.92 -11.97
C LEU C 197 -12.86 7.14 -12.70
N THR C 198 -13.40 8.09 -11.95
CA THR C 198 -14.07 9.29 -12.51
C THR C 198 -13.12 10.47 -12.50
N THR C 199 -11.87 10.22 -12.19
CA THR C 199 -10.76 11.21 -12.24
C THR C 199 -9.63 10.57 -13.02
N PRO C 200 -8.79 11.36 -13.70
CA PRO C 200 -7.55 10.81 -14.24
C PRO C 200 -6.91 9.99 -13.15
N PRO C 201 -6.37 8.80 -13.45
CA PRO C 201 -6.23 8.34 -14.83
C PRO C 201 -7.44 7.60 -15.47
N CYS C 202 -8.62 7.60 -14.85
CA CYS C 202 -9.86 7.01 -15.44
C CYS C 202 -9.62 5.56 -15.86
N ALA C 203 -8.81 4.81 -15.11
CA ALA C 203 -8.56 3.38 -15.38
C ALA C 203 -9.87 2.58 -15.27
N GLN C 204 -10.05 1.62 -16.18
CA GLN C 204 -11.23 0.72 -16.25
C GLN C 204 -10.95 -0.54 -15.39
N GLY C 205 -11.91 -1.46 -15.30
CA GLY C 205 -11.84 -2.64 -14.44
C GLY C 205 -12.29 -2.34 -13.03
N VAL C 206 -12.86 -1.16 -12.78
CA VAL C 206 -13.36 -0.82 -11.43
C VAL C 206 -14.77 -1.42 -11.23
N ILE C 207 -14.99 -2.17 -10.14
CA ILE C 207 -16.35 -2.62 -9.72
C ILE C 207 -17.00 -1.51 -8.88
N TRP C 208 -18.05 -0.91 -9.42
CA TRP C 208 -18.94 0.05 -8.75
C TRP C 208 -20.14 -0.66 -8.13
N THR C 209 -20.31 -0.45 -6.83
CA THR C 209 -21.50 -0.86 -6.08
C THR C 209 -22.22 0.40 -5.62
N VAL C 210 -23.43 0.65 -6.14
CA VAL C 210 -24.23 1.87 -5.81
C VAL C 210 -25.43 1.43 -4.97
N PHE C 211 -25.46 1.79 -3.68
CA PHE C 211 -26.53 1.44 -2.71
C PHE C 211 -27.86 2.01 -3.24
N GLN C 212 -28.93 1.25 -3.08
CA GLN C 212 -30.30 1.77 -3.36
C GLN C 212 -30.72 2.75 -2.25
N GLN C 213 -30.53 2.40 -0.99
CA GLN C 213 -30.88 3.28 0.16
C GLN C 213 -29.92 4.47 0.15
N THR C 214 -30.44 5.68 0.36
CA THR C 214 -29.62 6.92 0.47
C THR C 214 -29.29 7.21 1.94
N VAL C 215 -28.42 8.20 2.12
CA VAL C 215 -27.99 8.74 3.44
C VAL C 215 -28.54 10.17 3.54
N MET C 216 -29.05 10.54 4.71
CA MET C 216 -29.71 11.84 4.99
C MET C 216 -28.74 12.81 5.69
N LEU C 217 -28.52 13.97 5.09
CA LEU C 217 -27.81 15.09 5.73
C LEU C 217 -28.83 16.23 5.86
N SER C 218 -28.68 17.06 6.88
CA SER C 218 -29.47 18.31 7.05
C SER C 218 -29.07 19.26 5.92
N ALA C 219 -29.97 20.19 5.58
CA ALA C 219 -29.72 21.24 4.58
C ALA C 219 -28.45 22.01 4.95
N LYS C 220 -28.27 22.29 6.23
CA LYS C 220 -27.07 22.99 6.77
C LYS C 220 -25.78 22.20 6.41
N GLN C 221 -25.78 20.87 6.63
CA GLN C 221 -24.61 19.98 6.35
C GLN C 221 -24.26 20.00 4.85
N LEU C 222 -25.27 19.88 3.99
CA LEU C 222 -25.09 19.90 2.53
C LEU C 222 -24.47 21.23 2.16
N HIS C 223 -24.86 22.31 2.85
CA HIS C 223 -24.32 23.67 2.57
C HIS C 223 -22.86 23.75 3.04
N THR C 224 -22.57 23.25 4.23
CA THR C 224 -21.18 23.19 4.74
C THR C 224 -20.31 22.42 3.74
N LEU C 225 -20.77 21.26 3.28
CA LEU C 225 -20.04 20.44 2.27
C LEU C 225 -19.72 21.28 1.04
N SER C 226 -20.73 22.00 0.48
CA SER C 226 -20.62 22.61 -0.85
C SER C 226 -20.05 24.03 -0.78
N ASP C 227 -19.90 24.59 0.41
CA ASP C 227 -19.66 26.05 0.54
C ASP C 227 -18.39 26.35 1.34
N THR C 228 -17.63 25.36 1.84
CA THR C 228 -16.46 25.62 2.75
C THR C 228 -15.14 25.55 1.98
N LEU C 229 -14.97 24.59 1.08
CA LEU C 229 -13.63 24.30 0.54
C LEU C 229 -13.36 25.14 -0.70
N TRP C 230 -12.11 25.53 -0.90
CA TRP C 230 -11.66 26.30 -2.07
C TRP C 230 -10.79 25.39 -2.94
N GLY C 231 -10.72 25.71 -4.22
CA GLY C 231 -10.15 24.84 -5.25
C GLY C 231 -9.11 25.58 -6.07
N PRO C 232 -8.78 25.06 -7.27
CA PRO C 232 -7.72 25.64 -8.10
C PRO C 232 -8.19 26.99 -8.65
N GLY C 233 -6.64 28.83 -8.24
CA GLY C 233 -7.68 29.71 -8.82
C GLY C 233 -8.68 30.17 -7.77
N ASP C 234 -8.50 31.38 -7.25
CA ASP C 234 -9.36 31.94 -6.19
C ASP C 234 -10.82 31.62 -6.56
N SER C 235 -11.29 30.38 -6.28
CA SER C 235 -12.62 29.84 -6.69
C SER C 235 -13.07 28.67 -5.83
N ARG C 236 -14.36 28.60 -5.51
CA ARG C 236 -14.97 27.61 -4.57
C ARG C 236 -14.90 26.19 -5.10
N LEU C 237 -14.73 25.19 -4.22
CA LEU C 237 -14.64 23.77 -4.65
C LEU C 237 -16.09 23.24 -4.72
N GLN C 238 -16.65 23.22 -5.92
CA GLN C 238 -18.09 22.97 -6.14
C GLN C 238 -18.31 22.24 -7.47
N LEU C 239 -19.40 21.48 -7.59
CA LEU C 239 -19.76 20.81 -8.87
C LEU C 239 -18.57 19.90 -9.27
N ASN C 240 -18.07 19.12 -8.31
CA ASN C 240 -16.83 18.30 -8.50
C ASN C 240 -17.27 16.91 -8.93
N PHE C 241 -18.09 16.83 -9.97
CA PHE C 241 -18.61 15.56 -10.52
C PHE C 241 -18.29 15.51 -12.01
N ARG C 242 -18.03 14.31 -12.51
CA ARG C 242 -17.84 14.04 -13.93
C ARG C 242 -19.22 13.86 -14.59
N ALA C 243 -19.32 14.26 -15.86
CA ALA C 243 -20.52 14.03 -16.71
C ALA C 243 -20.81 12.53 -16.80
N THR C 244 -22.09 12.20 -16.79
CA THR C 244 -22.59 10.84 -17.06
C THR C 244 -21.89 10.28 -18.28
N GLN C 245 -21.54 9.00 -18.24
CA GLN C 245 -20.88 8.30 -19.38
C GLN C 245 -21.84 7.23 -19.85
N PRO C 246 -21.88 6.98 -21.17
CA PRO C 246 -22.80 6.00 -21.72
C PRO C 246 -22.44 4.59 -21.24
N LEU C 247 -23.44 3.75 -20.97
CA LEU C 247 -23.16 2.34 -20.63
C LEU C 247 -22.44 1.64 -21.80
N ASN C 248 -22.75 2.02 -23.03
CA ASN C 248 -22.10 1.45 -24.25
C ASN C 248 -22.26 -0.07 -24.27
N GLY C 249 -23.41 -0.56 -23.82
CA GLY C 249 -23.74 -1.98 -23.90
C GLY C 249 -23.53 -2.76 -22.62
N ARG C 250 -22.94 -2.13 -21.59
CA ARG C 250 -22.82 -2.78 -20.27
C ARG C 250 -24.21 -2.91 -19.66
N VAL C 251 -24.45 -3.99 -18.95
CA VAL C 251 -25.69 -4.19 -18.15
C VAL C 251 -25.39 -3.95 -16.68
N ILE C 252 -26.18 -3.09 -16.04
CA ILE C 252 -26.08 -2.87 -14.57
C ILE C 252 -26.82 -4.03 -13.90
N GLU C 253 -26.18 -4.68 -12.93
CA GLU C 253 -26.85 -5.73 -12.14
C GLU C 253 -27.48 -5.05 -10.92
N ALA C 254 -28.61 -5.60 -10.44
CA ALA C 254 -29.29 -5.23 -9.18
C ALA C 254 -29.35 -6.47 -8.30
N SER C 255 -29.11 -6.31 -7.00
CA SER C 255 -29.11 -7.42 -6.02
C SER C 255 -30.55 -7.78 -5.62
N PHE C 256 -31.55 -7.09 -6.17
CA PHE C 256 -32.97 -7.19 -5.75
C PHE C 256 -33.91 -7.07 -6.95
N PRO C 257 -35.04 -7.79 -6.92
CA PRO C 257 -35.97 -7.83 -8.05
C PRO C 257 -36.71 -6.51 -8.26
N TRP D 7 17.48 1.69 -15.70
CA TRP D 7 18.82 1.54 -15.02
C TRP D 7 19.26 0.06 -14.99
N ARG D 8 20.58 -0.19 -14.92
CA ARG D 8 21.23 -1.53 -14.82
C ARG D 8 22.62 -1.40 -14.16
N TYR D 9 22.97 -2.31 -13.24
CA TYR D 9 24.27 -2.40 -12.50
C TYR D 9 25.46 -2.49 -13.47
N GLY D 10 26.33 -1.48 -13.50
CA GLY D 10 27.45 -1.38 -14.46
C GLY D 10 27.03 -0.76 -15.79
N GLY D 11 26.13 -1.42 -16.53
CA GLY D 11 25.64 -1.02 -17.87
C GLY D 11 24.57 0.07 -17.79
N ASP D 12 24.99 1.33 -18.03
CA ASP D 12 24.23 2.62 -18.17
C ASP D 12 22.71 2.47 -18.05
N PRO D 13 21.94 3.58 -17.88
CA PRO D 13 22.51 4.93 -17.67
C PRO D 13 23.05 5.12 -16.24
N PRO D 14 24.77 6.72 -16.32
CA PRO D 14 24.91 7.38 -15.00
C PRO D 14 23.56 7.48 -14.24
N TRP D 15 23.54 7.01 -12.98
CA TRP D 15 22.36 6.97 -12.05
C TRP D 15 21.81 8.37 -11.76
N PRO D 16 22.65 9.42 -11.45
CA PRO D 16 22.18 10.80 -11.34
C PRO D 16 21.35 11.36 -12.52
N ARG D 17 21.63 10.94 -13.77
CA ARG D 17 20.83 11.26 -14.98
C ARG D 17 19.42 10.66 -14.80
N VAL D 18 19.32 9.46 -14.24
CA VAL D 18 18.04 8.79 -13.86
C VAL D 18 17.38 9.58 -12.71
N SER D 19 18.14 9.93 -11.65
CA SER D 19 17.63 10.59 -10.43
C SER D 19 18.74 11.40 -9.75
N PRO D 20 18.57 12.74 -9.58
CA PRO D 20 19.62 13.57 -8.98
C PRO D 20 19.96 13.11 -7.54
N ALA D 21 19.01 12.44 -6.87
CA ALA D 21 19.19 11.94 -5.49
C ALA D 21 20.32 10.91 -5.43
N CYS D 22 20.65 10.19 -6.52
CA CYS D 22 21.77 9.22 -6.53
C CYS D 22 23.15 9.91 -6.41
N ALA D 23 23.21 11.25 -6.43
CA ALA D 23 24.45 12.03 -6.25
C ALA D 23 24.37 12.83 -4.97
N GLY D 24 23.48 12.42 -4.05
CA GLY D 24 23.37 13.07 -2.73
C GLY D 24 24.61 12.79 -1.92
N ARG D 25 24.84 13.60 -0.89
CA ARG D 25 26.04 13.48 -0.05
C ARG D 25 25.91 12.27 0.91
N PHE D 26 24.68 11.78 1.19
CA PHE D 26 24.41 10.81 2.32
C PHE D 26 23.72 9.56 1.77
N GLN D 27 24.50 8.79 1.02
CA GLN D 27 24.00 7.63 0.26
C GLN D 27 24.37 6.33 0.98
N SER D 28 23.70 5.27 0.54
CA SER D 28 23.95 3.89 1.01
C SER D 28 24.33 3.05 -0.21
N PRO D 29 24.98 1.89 -0.02
CA PRO D 29 25.42 1.41 1.28
C PRO D 29 26.74 2.04 1.74
N VAL D 30 27.22 1.60 2.90
CA VAL D 30 28.48 2.16 3.48
C VAL D 30 29.33 1.01 4.01
N ASP D 31 30.58 1.37 4.28
CA ASP D 31 31.56 0.50 4.96
C ASP D 31 31.44 0.76 6.45
N ILE D 32 30.98 -0.22 7.20
CA ILE D 32 30.85 -0.13 8.67
C ILE D 32 32.22 -0.38 9.31
N ARG D 33 32.72 0.60 10.05
CA ARG D 33 33.96 0.53 10.85
C ARG D 33 33.53 0.58 12.29
N PRO D 34 33.42 -0.60 12.95
CA PRO D 34 32.81 -0.69 14.26
C PRO D 34 33.56 0.18 15.27
N GLN D 35 34.86 0.38 15.08
CA GLN D 35 35.68 1.22 16.02
C GLN D 35 35.25 2.69 15.93
N LEU D 36 34.69 3.13 14.82
CA LEU D 36 34.23 4.52 14.64
C LEU D 36 32.72 4.59 14.90
N ALA D 37 32.03 3.47 15.19
CA ALA D 37 30.56 3.51 15.47
C ALA D 37 30.35 4.12 16.84
N ALA D 38 29.26 4.84 17.05
CA ALA D 38 28.96 5.45 18.35
C ALA D 38 28.00 4.51 19.10
N PHE D 39 28.41 4.06 20.29
CA PHE D 39 27.54 3.28 21.19
C PHE D 39 26.39 4.18 21.63
N SER D 40 25.17 3.82 21.30
CA SER D 40 23.98 4.51 21.85
C SER D 40 23.09 3.53 22.58
N PRO D 41 22.99 3.60 23.92
CA PRO D 41 22.09 2.70 24.65
C PRO D 41 20.62 3.06 24.45
N ALA D 42 20.26 4.14 23.72
CA ALA D 42 18.84 4.34 23.35
C ALA D 42 18.40 3.26 22.34
N LEU D 43 19.34 2.57 21.69
CA LEU D 43 18.99 1.60 20.62
C LEU D 43 18.59 0.27 21.28
N ARG D 44 17.29 0.01 21.35
CA ARG D 44 16.70 -1.16 22.03
C ARG D 44 16.47 -2.27 21.00
N PRO D 45 16.20 -3.50 21.47
CA PRO D 45 15.94 -4.61 20.55
C PRO D 45 14.81 -4.21 19.59
N LEU D 46 15.00 -4.47 18.31
CA LEU D 46 13.93 -4.36 17.28
C LEU D 46 12.74 -5.25 17.68
N GLU D 47 11.51 -4.84 17.39
CA GLU D 47 10.30 -5.67 17.68
C GLU D 47 9.51 -5.86 16.38
N LEU D 48 9.14 -7.10 16.11
CA LEU D 48 8.38 -7.52 14.91
C LEU D 48 7.05 -8.08 15.39
N LEU D 49 5.97 -7.75 14.70
CA LEU D 49 4.68 -8.41 14.98
C LEU D 49 4.05 -8.76 13.65
N GLY D 50 3.51 -9.98 13.55
CA GLY D 50 2.75 -10.44 12.35
C GLY D 50 3.65 -11.06 11.30
N PHE D 51 4.93 -11.34 11.61
CA PHE D 51 5.88 -11.88 10.60
C PHE D 51 5.66 -13.39 10.39
N GLN D 52 4.98 -14.08 11.31
CA GLN D 52 4.71 -15.53 11.20
C GLN D 52 3.42 -15.67 10.40
N LEU D 53 3.58 -15.82 9.10
CA LEU D 53 2.44 -15.86 8.14
C LEU D 53 1.84 -17.25 8.05
N PRO D 54 0.52 -17.34 7.83
CA PRO D 54 -0.07 -18.59 7.40
C PRO D 54 0.26 -18.83 5.94
N PRO D 55 0.13 -20.08 5.46
CA PRO D 55 0.49 -20.45 4.09
C PRO D 55 -0.40 -19.77 3.04
N LEU D 56 -1.67 -19.54 3.37
CA LEU D 56 -2.59 -18.82 2.46
C LEU D 56 -3.08 -17.59 3.18
N PRO D 57 -3.18 -16.44 2.47
CA PRO D 57 -2.89 -16.36 1.03
C PRO D 57 -1.41 -16.40 0.66
N GLU D 58 -1.09 -16.81 -0.56
CA GLU D 58 0.29 -16.86 -1.10
C GLU D 58 0.82 -15.46 -1.35
N LEU D 59 2.12 -15.37 -1.46
CA LEU D 59 2.90 -14.14 -1.66
C LEU D 59 3.43 -14.19 -3.09
N ARG D 60 3.73 -13.03 -3.66
CA ARG D 60 4.31 -12.97 -5.01
C ARG D 60 5.81 -12.78 -4.90
N LEU D 61 6.53 -13.66 -5.57
CA LEU D 61 8.00 -13.67 -5.65
C LEU D 61 8.40 -13.34 -7.09
N ARG D 62 9.15 -12.28 -7.29
CA ARG D 62 9.35 -11.69 -8.63
C ARG D 62 10.84 -11.53 -8.92
N ASN D 63 11.25 -11.99 -10.10
CA ASN D 63 12.54 -11.60 -10.73
C ASN D 63 12.25 -10.30 -11.46
N ASN D 64 12.68 -9.16 -10.91
CA ASN D 64 12.39 -7.83 -11.52
C ASN D 64 13.57 -7.41 -12.39
N GLY D 65 14.55 -8.27 -12.64
CA GLY D 65 15.71 -7.89 -13.46
C GLY D 65 16.85 -7.31 -12.65
N HIS D 66 16.59 -6.82 -11.44
CA HIS D 66 17.62 -6.22 -10.53
C HIS D 66 17.86 -7.13 -9.31
N SER D 67 16.81 -7.79 -8.84
CA SER D 67 16.87 -8.71 -7.67
C SER D 67 15.70 -9.69 -7.75
N VAL D 68 15.66 -10.60 -6.79
CA VAL D 68 14.42 -11.35 -6.50
C VAL D 68 13.75 -10.65 -5.29
N GLN D 69 12.50 -10.27 -5.47
CA GLN D 69 11.68 -9.47 -4.53
C GLN D 69 10.46 -10.31 -4.14
N LEU D 70 10.23 -10.46 -2.82
CA LEU D 70 9.02 -11.01 -2.21
C LEU D 70 8.18 -9.87 -1.70
N THR D 71 6.96 -9.73 -2.22
CA THR D 71 5.99 -8.71 -1.80
C THR D 71 5.34 -9.21 -0.52
N LEU D 72 5.34 -8.40 0.52
CA LEU D 72 4.78 -8.80 1.83
C LEU D 72 3.35 -8.34 1.93
N PRO D 73 2.50 -9.08 2.64
CA PRO D 73 1.10 -8.71 2.81
C PRO D 73 0.94 -7.64 3.88
N PRO D 74 -0.26 -7.04 3.96
CA PRO D 74 -0.58 -6.19 5.12
C PRO D 74 -0.45 -7.00 6.42
N GLY D 75 -0.18 -6.16 7.70
CA GLY D 75 -0.18 -6.60 9.11
C GLY D 75 1.21 -7.01 9.58
N LEU D 76 2.30 -6.70 8.84
CA LEU D 76 3.67 -6.96 9.33
C LEU D 76 4.19 -5.66 9.93
N GLU D 77 4.24 -5.60 11.26
CA GLU D 77 4.61 -4.39 12.02
C GLU D 77 6.03 -4.55 12.56
N MET D 78 6.84 -3.50 12.42
CA MET D 78 8.22 -3.46 12.92
C MET D 78 8.36 -2.17 13.72
N ALA D 79 9.07 -2.21 14.84
CA ALA D 79 9.41 -1.00 15.60
C ALA D 79 10.91 -0.91 15.86
N LEU D 80 11.49 0.25 15.56
CA LEU D 80 12.91 0.59 15.85
C LEU D 80 13.05 0.97 17.32
N GLY D 81 11.93 1.30 17.92
CA GLY D 81 11.81 1.72 19.32
C GLY D 81 10.41 2.31 19.55
N PRO D 82 10.09 2.50 20.96
CA PRO D 82 8.79 3.10 21.33
C PRO D 82 8.47 4.33 20.46
N GLY D 83 7.32 4.28 19.79
CA GLY D 83 6.83 5.37 18.90
C GLY D 83 7.48 5.38 17.52
N ARG D 84 8.34 4.42 17.19
CA ARG D 84 9.09 4.39 15.89
C ARG D 84 8.54 3.22 15.05
N GLU D 85 7.31 3.33 14.54
CA GLU D 85 6.54 2.21 13.98
C GLU D 85 6.51 2.24 12.46
N TYR D 86 6.67 1.04 11.89
CA TYR D 86 6.79 0.74 10.44
C TYR D 86 5.92 -0.48 10.09
N ARG D 87 5.53 -0.54 8.82
CA ARG D 87 4.87 -1.70 8.17
C ARG D 87 5.82 -2.23 7.09
N ALA D 88 5.96 -3.53 7.00
CA ALA D 88 6.85 -4.18 6.01
C ALA D 88 6.15 -4.18 4.63
N LEU D 89 6.87 -3.80 3.56
CA LEU D 89 6.41 -3.75 2.16
C LEU D 89 6.91 -4.98 1.41
N GLN D 90 8.21 -5.22 1.45
CA GLN D 90 8.84 -6.24 0.60
C GLN D 90 10.21 -6.56 1.16
N LEU D 91 10.75 -7.69 0.73
CA LEU D 91 12.18 -7.99 0.94
C LEU D 91 12.79 -8.41 -0.38
N HIS D 92 14.09 -8.22 -0.51
CA HIS D 92 14.85 -8.59 -1.72
C HIS D 92 16.28 -8.89 -1.26
N LEU D 93 17.09 -9.39 -2.17
CA LEU D 93 18.46 -9.87 -1.86
C LEU D 93 19.48 -9.18 -2.78
N HIS D 94 20.71 -9.14 -2.29
CA HIS D 94 21.86 -8.70 -3.09
C HIS D 94 22.93 -9.80 -2.94
N TRP D 95 23.59 -10.14 -4.03
CA TRP D 95 24.50 -11.30 -4.09
C TRP D 95 25.57 -11.08 -5.17
N GLY D 96 26.58 -11.94 -5.17
CA GLY D 96 27.73 -11.82 -6.06
C GLY D 96 27.62 -12.83 -7.18
N ALA D 97 28.57 -13.76 -7.21
CA ALA D 97 28.80 -14.69 -8.32
C ALA D 97 29.86 -15.69 -7.83
N ALA D 98 30.08 -16.76 -8.58
CA ALA D 98 31.04 -17.85 -8.26
C ALA D 98 32.32 -17.23 -7.68
N GLY D 99 32.63 -17.55 -6.44
CA GLY D 99 33.81 -17.03 -5.70
C GLY D 99 33.88 -15.50 -5.68
N ARG D 100 32.74 -14.79 -5.68
CA ARG D 100 32.77 -13.32 -5.47
C ARG D 100 31.58 -12.93 -4.60
N PRO D 101 31.86 -12.31 -3.43
CA PRO D 101 30.80 -11.86 -2.54
C PRO D 101 30.06 -10.66 -3.15
N GLY D 102 28.81 -10.48 -2.73
CA GLY D 102 27.96 -9.38 -3.23
C GLY D 102 27.05 -8.78 -2.17
N SER D 103 27.43 -8.75 -0.88
CA SER D 103 26.76 -7.86 0.10
C SER D 103 26.91 -6.40 -0.35
N GLU D 104 25.97 -5.54 0.02
CA GLU D 104 26.02 -4.07 -0.25
C GLU D 104 26.88 -3.40 0.81
N HIS D 105 26.47 -3.55 2.06
CA HIS D 105 27.29 -3.10 3.21
C HIS D 105 28.56 -3.97 3.31
N THR D 106 29.63 -3.36 3.82
CA THR D 106 30.90 -4.03 4.14
C THR D 106 31.20 -3.73 5.61
N VAL D 107 31.97 -4.60 6.27
CA VAL D 107 32.50 -4.38 7.66
C VAL D 107 34.04 -4.36 7.56
N GLU D 108 34.65 -3.20 7.80
CA GLU D 108 36.12 -2.98 7.72
C GLU D 108 36.57 -3.49 6.35
N GLY D 109 35.78 -3.20 5.31
CA GLY D 109 36.12 -3.52 3.92
C GLY D 109 35.82 -4.98 3.59
N HIS D 110 35.33 -5.79 4.52
CA HIS D 110 34.98 -7.20 4.21
C HIS D 110 33.61 -7.23 3.55
N ARG D 111 33.48 -7.81 2.36
CA ARG D 111 32.17 -7.98 1.68
C ARG D 111 31.71 -9.41 1.95
N PHE D 112 30.48 -9.57 2.43
CA PHE D 112 29.90 -10.89 2.77
C PHE D 112 29.30 -11.50 1.51
N PRO D 113 29.06 -12.83 1.49
CA PRO D 113 28.52 -13.48 0.29
C PRO D 113 27.23 -12.80 -0.25
N ALA D 114 26.25 -12.52 0.62
CA ALA D 114 25.00 -11.88 0.17
C ALA D 114 24.36 -11.08 1.29
N GLU D 115 23.25 -10.38 0.99
CA GLU D 115 22.57 -9.51 1.98
C GLU D 115 21.08 -9.55 1.69
N ILE D 116 20.29 -9.60 2.75
CA ILE D 116 18.81 -9.46 2.66
C ILE D 116 18.43 -8.08 3.16
N HIS D 117 17.51 -7.44 2.46
CA HIS D 117 16.88 -6.16 2.87
C HIS D 117 15.37 -6.36 3.02
N VAL D 118 14.84 -5.90 4.15
CA VAL D 118 13.39 -5.88 4.43
C VAL D 118 13.02 -4.40 4.56
N VAL D 119 12.26 -3.90 3.59
CA VAL D 119 11.97 -2.46 3.41
C VAL D 119 10.62 -2.23 4.06
N HIS D 120 10.53 -1.19 4.85
CA HIS D 120 9.33 -0.83 5.65
C HIS D 120 8.98 0.65 5.43
N LEU D 121 7.69 0.95 5.58
CA LEU D 121 7.11 2.30 5.45
C LEU D 121 6.66 2.75 6.84
N SER D 122 7.01 3.96 7.23
CA SER D 122 6.54 4.57 8.49
C SER D 122 5.02 4.56 8.48
N THR D 123 4.40 4.26 9.61
CA THR D 123 2.93 4.23 9.80
C THR D 123 2.39 5.65 9.67
N ALA D 124 3.38 6.86 9.54
CA ALA D 124 2.76 8.19 9.38
C ALA D 124 2.38 8.43 7.92
N PHE D 125 2.75 7.52 7.01
CA PHE D 125 2.54 7.64 5.54
C PHE D 125 1.71 6.45 5.06
N ALA D 126 0.69 6.74 4.23
CA ALA D 126 -0.16 5.77 3.54
C ALA D 126 0.57 5.24 2.32
N ARG D 127 1.49 6.00 1.72
CA ARG D 127 2.14 5.56 0.46
C ARG D 127 3.64 5.81 0.50
N VAL D 128 4.39 4.98 -0.23
CA VAL D 128 5.86 5.12 -0.46
C VAL D 128 6.18 6.51 -1.06
N ASP D 129 5.43 7.00 -2.03
CA ASP D 129 5.84 8.26 -2.71
C ASP D 129 5.71 9.43 -1.74
N GLU D 130 4.86 9.37 -0.71
CA GLU D 130 4.85 10.43 0.34
C GLU D 130 6.07 10.30 1.30
N ALA D 131 6.63 9.10 1.47
CA ALA D 131 7.72 8.85 2.44
C ALA D 131 9.08 9.17 1.84
N LEU D 132 9.20 9.03 0.52
CA LEU D 132 10.50 9.13 -0.18
C LEU D 132 11.16 10.47 0.15
N GLY D 133 12.41 10.45 0.61
CA GLY D 133 13.15 11.67 0.99
C GLY D 133 12.69 12.29 2.29
N ARG D 134 11.68 11.76 2.99
CA ARG D 134 11.24 12.33 4.29
C ARG D 134 12.01 11.63 5.40
N PRO D 135 12.42 12.35 6.47
CA PRO D 135 13.18 11.79 7.59
C PRO D 135 12.46 10.59 8.23
N GLY D 136 13.06 9.42 8.11
CA GLY D 136 12.54 8.20 8.77
C GLY D 136 11.32 7.66 8.05
N GLY D 137 11.02 8.16 6.86
CA GLY D 137 9.88 7.71 6.07
C GLY D 137 9.97 6.23 5.72
N LEU D 138 11.16 5.77 5.37
CA LEU D 138 11.44 4.35 5.05
C LEU D 138 12.50 3.84 6.02
N ALA D 139 12.36 2.59 6.43
CA ALA D 139 13.38 1.89 7.24
C ALA D 139 13.69 0.54 6.62
N VAL D 140 14.98 0.20 6.50
CA VAL D 140 15.38 -1.11 5.94
C VAL D 140 16.06 -1.92 7.05
N LEU D 141 15.65 -3.18 7.23
CA LEU D 141 16.41 -4.18 8.03
C LEU D 141 17.35 -4.94 7.08
N ALA D 142 18.64 -4.94 7.38
CA ALA D 142 19.69 -5.54 6.55
C ALA D 142 20.44 -6.62 7.36
N ALA D 143 20.57 -7.84 6.81
CA ALA D 143 21.36 -8.91 7.44
C ALA D 143 22.29 -9.50 6.37
N PHE D 144 23.51 -9.78 6.77
CA PHE D 144 24.49 -10.47 5.90
C PHE D 144 24.10 -11.95 5.83
N LEU D 145 24.20 -12.52 4.65
CA LEU D 145 24.12 -14.00 4.44
C LEU D 145 25.56 -14.56 4.30
N GLU D 146 25.88 -15.59 5.07
CA GLU D 146 27.17 -16.31 5.05
C GLU D 146 26.92 -17.81 4.82
N GLU D 147 27.97 -18.54 4.51
CA GLU D 147 27.89 -20.00 4.37
C GLU D 147 27.84 -20.63 5.75
N GLY D 148 26.88 -21.50 5.96
CA GLY D 148 26.90 -22.43 7.09
C GLY D 148 26.80 -23.86 6.57
N PRO D 149 26.88 -24.85 7.47
CA PRO D 149 26.87 -26.25 7.06
C PRO D 149 25.49 -26.80 6.68
N GLU D 150 24.41 -26.18 7.14
CA GLU D 150 23.05 -26.74 6.95
C GLU D 150 22.27 -25.97 5.90
N GLU D 151 21.36 -26.67 5.22
CA GLU D 151 20.29 -26.05 4.41
C GLU D 151 19.43 -25.17 5.32
N ASN D 152 19.31 -23.89 4.98
CA ASN D 152 18.42 -22.97 5.73
C ASN D 152 16.99 -23.22 5.25
N SER D 153 16.13 -23.86 6.04
CA SER D 153 14.78 -24.28 5.58
C SER D 153 13.92 -23.04 5.20
N ALA D 154 14.05 -21.92 5.90
CA ALA D 154 13.27 -20.71 5.56
C ALA D 154 13.67 -20.24 4.16
N TYR D 155 14.98 -20.11 3.92
CA TYR D 155 15.50 -19.60 2.64
C TYR D 155 15.12 -20.60 1.52
N GLU D 156 15.06 -21.89 1.86
CA GLU D 156 14.76 -22.98 0.89
C GLU D 156 13.37 -22.76 0.26
N GLN D 157 12.41 -22.25 1.02
CA GLN D 157 11.04 -21.92 0.53
C GLN D 157 11.13 -20.95 -0.67
N LEU D 158 12.12 -20.06 -0.68
CA LEU D 158 12.26 -19.09 -1.79
C LEU D 158 13.26 -19.61 -2.80
N LEU D 159 14.40 -20.15 -2.36
CA LEU D 159 15.48 -20.51 -3.30
C LEU D 159 15.03 -21.67 -4.20
N SER D 160 14.15 -22.56 -3.72
CA SER D 160 13.66 -23.73 -4.49
C SER D 160 12.70 -23.26 -5.58
N ARG D 161 12.33 -21.98 -5.60
CA ARG D 161 11.38 -21.43 -6.61
C ARG D 161 12.11 -20.57 -7.63
N LEU D 162 13.42 -20.33 -7.48
CA LEU D 162 14.13 -19.37 -8.38
C LEU D 162 14.14 -19.90 -9.82
N GLU D 163 14.16 -21.21 -10.01
CA GLU D 163 14.15 -21.86 -11.34
C GLU D 163 12.86 -21.42 -12.06
N GLU D 164 11.74 -21.31 -11.34
CA GLU D 164 10.45 -20.86 -11.90
C GLU D 164 10.55 -19.44 -12.43
N ILE D 165 11.46 -18.62 -11.87
CA ILE D 165 11.48 -17.15 -12.20
C ILE D 165 12.84 -16.78 -12.80
N ALA D 166 13.47 -17.72 -13.52
CA ALA D 166 14.82 -17.52 -14.07
C ALA D 166 14.78 -16.32 -15.04
N GLU D 167 13.70 -16.23 -15.82
CA GLU D 167 13.53 -15.16 -16.82
C GLU D 167 13.37 -13.80 -16.15
N GLU D 168 14.06 -12.78 -16.66
CA GLU D 168 13.81 -11.37 -16.29
C GLU D 168 12.32 -11.06 -16.41
N GLY D 169 11.73 -10.46 -15.38
CA GLY D 169 10.31 -10.03 -15.35
C GLY D 169 9.33 -11.15 -15.03
N SER D 170 9.78 -12.31 -14.57
CA SER D 170 8.87 -13.43 -14.31
C SER D 170 8.48 -13.40 -12.82
N GLU D 171 7.40 -14.07 -12.47
CA GLU D 171 7.04 -14.14 -11.03
C GLU D 171 6.32 -15.45 -10.77
N THR D 172 6.17 -15.80 -9.49
CA THR D 172 5.51 -17.03 -9.07
C THR D 172 4.89 -16.77 -7.71
N GLN D 173 3.92 -17.57 -7.33
CA GLN D 173 3.23 -17.44 -6.03
C GLN D 173 3.93 -18.42 -5.08
N VAL D 174 4.24 -17.99 -3.85
CA VAL D 174 4.79 -18.90 -2.81
C VAL D 174 3.93 -18.82 -1.56
N PRO D 175 3.79 -19.95 -0.85
CA PRO D 175 3.09 -19.99 0.43
C PRO D 175 3.72 -19.01 1.43
N GLY D 176 2.90 -18.36 2.26
CA GLY D 176 3.38 -17.60 3.41
C GLY D 176 4.26 -18.45 4.30
N LEU D 177 5.22 -17.81 4.94
CA LEU D 177 6.21 -18.50 5.80
C LEU D 177 6.48 -17.55 6.94
N ASP D 178 7.29 -17.98 7.90
CA ASP D 178 7.81 -17.10 8.96
C ASP D 178 8.88 -16.21 8.34
N ILE D 179 8.50 -15.00 8.00
CA ILE D 179 9.41 -14.00 7.40
C ILE D 179 10.54 -13.68 8.40
N SER D 180 10.29 -13.67 9.71
CA SER D 180 11.34 -13.41 10.72
C SER D 180 12.40 -14.51 10.69
N ALA D 181 12.11 -15.68 10.13
CA ALA D 181 13.11 -16.77 10.03
C ALA D 181 14.11 -16.53 8.87
N LEU D 182 13.94 -15.50 8.04
CA LEU D 182 14.96 -15.06 7.03
C LEU D 182 15.95 -14.10 7.69
N LEU D 183 15.70 -13.69 8.92
CA LEU D 183 16.55 -12.70 9.62
C LEU D 183 17.27 -13.39 10.77
N PRO D 184 18.36 -12.81 11.32
CA PRO D 184 19.02 -13.33 12.52
C PRO D 184 18.09 -13.39 13.73
N SER D 185 18.38 -14.31 14.64
CA SER D 185 17.63 -14.42 15.91
C SER D 185 18.03 -13.27 16.84
N ASP D 186 19.22 -12.72 16.69
CA ASP D 186 19.67 -11.64 17.62
C ASP D 186 19.18 -10.29 17.07
N PHE D 187 18.11 -9.75 17.65
CA PHE D 187 17.54 -8.42 17.32
C PHE D 187 18.07 -7.30 18.21
N SER D 188 19.01 -7.59 19.10
CA SER D 188 19.47 -6.61 20.11
C SER D 188 20.77 -5.93 19.65
N ARG D 189 21.53 -6.58 18.77
CA ARG D 189 22.88 -6.12 18.40
C ARG D 189 22.92 -5.72 16.93
N TYR D 190 23.10 -4.41 16.69
CA TYR D 190 22.97 -3.87 15.32
C TYR D 190 23.62 -2.50 15.25
N PHE D 191 23.99 -2.14 14.03
CA PHE D 191 24.42 -0.81 13.61
C PHE D 191 23.20 -0.10 13.03
N GLN D 192 23.14 1.22 13.17
CA GLN D 192 22.05 2.01 12.57
C GLN D 192 22.61 3.33 12.06
N TYR D 193 22.15 3.76 10.91
CA TYR D 193 22.58 5.05 10.34
C TYR D 193 21.50 5.53 9.39
N GLU D 194 21.58 6.80 9.00
CA GLU D 194 20.68 7.40 8.00
C GLU D 194 21.40 7.47 6.66
N GLY D 195 20.72 7.01 5.63
CA GLY D 195 21.27 6.93 4.27
C GLY D 195 20.16 6.97 3.25
N SER D 196 20.30 6.15 2.21
CA SER D 196 19.49 6.28 0.98
C SER D 196 19.01 4.90 0.56
N LEU D 197 18.06 4.86 -0.37
CA LEU D 197 17.89 3.69 -1.25
C LEU D 197 19.18 3.49 -2.05
N THR D 198 19.49 2.22 -2.41
CA THR D 198 20.72 1.80 -3.12
C THR D 198 20.40 1.56 -4.59
N THR D 199 19.18 1.85 -5.01
CA THR D 199 18.74 1.91 -6.42
C THR D 199 17.97 3.19 -6.62
N PRO D 200 17.85 3.66 -7.88
CA PRO D 200 17.09 4.87 -8.19
C PRO D 200 15.68 4.70 -7.64
N PRO D 201 15.05 5.71 -7.04
CA PRO D 201 15.57 7.10 -6.97
C PRO D 201 16.66 7.47 -5.94
N CYS D 202 17.24 6.52 -5.22
CA CYS D 202 18.31 6.75 -4.20
C CYS D 202 17.91 7.85 -3.20
N ALA D 203 16.63 7.95 -2.88
CA ALA D 203 16.09 8.97 -1.98
C ALA D 203 16.78 8.80 -0.62
N GLN D 204 17.10 9.92 0.01
CA GLN D 204 17.70 10.00 1.36
C GLN D 204 16.59 9.93 2.43
N GLY D 205 17.00 9.94 3.69
CA GLY D 205 16.11 9.87 4.85
C GLY D 205 15.79 8.45 5.24
N VAL D 206 16.47 7.47 4.67
CA VAL D 206 16.20 6.02 4.94
C VAL D 206 16.98 5.62 6.20
N ILE D 207 16.30 5.03 7.16
CA ILE D 207 16.95 4.48 8.38
C ILE D 207 17.36 3.05 8.07
N TRP D 208 18.68 2.81 8.07
CA TRP D 208 19.29 1.49 7.85
C TRP D 208 19.66 0.87 9.20
N THR D 209 19.18 -0.35 9.43
CA THR D 209 19.56 -1.20 10.58
C THR D 209 20.26 -2.42 10.01
N VAL D 210 21.53 -2.64 10.39
CA VAL D 210 22.39 -3.74 9.91
C VAL D 210 22.73 -4.59 11.12
N PHE D 211 22.23 -5.83 11.12
CA PHE D 211 22.40 -6.78 12.23
C PHE D 211 23.88 -7.13 12.36
N GLN D 212 24.33 -7.32 13.58
CA GLN D 212 25.69 -7.85 13.84
C GLN D 212 25.74 -9.33 13.47
N GLN D 213 24.76 -10.08 13.93
CA GLN D 213 24.64 -11.53 13.64
C GLN D 213 24.23 -11.73 12.18
N THR D 214 24.87 -12.71 11.55
CA THR D 214 24.62 -13.08 10.16
C THR D 214 23.66 -14.26 10.10
N VAL D 215 23.14 -14.50 8.90
CA VAL D 215 22.23 -15.63 8.59
C VAL D 215 23.04 -16.66 7.80
N MET D 216 22.86 -17.94 8.07
CA MET D 216 23.63 -19.06 7.43
C MET D 216 22.83 -19.68 6.28
N LEU D 217 23.40 -19.76 5.09
CA LEU D 217 22.86 -20.57 3.95
C LEU D 217 23.91 -21.62 3.60
N SER D 218 23.48 -22.76 3.06
CA SER D 218 24.43 -23.80 2.56
C SER D 218 25.13 -23.25 1.31
N ALA D 219 26.29 -23.80 1.00
CA ALA D 219 27.03 -23.51 -0.25
C ALA D 219 26.06 -23.66 -1.43
N LYS D 220 25.25 -24.70 -1.45
CA LYS D 220 24.34 -25.01 -2.56
C LYS D 220 23.31 -23.89 -2.65
N GLN D 221 22.77 -23.42 -1.51
CA GLN D 221 21.78 -22.30 -1.50
C GLN D 221 22.41 -21.03 -2.07
N LEU D 222 23.65 -20.70 -1.67
CA LEU D 222 24.32 -19.47 -2.15
C LEU D 222 24.56 -19.63 -3.65
N HIS D 223 24.93 -20.83 -4.11
CA HIS D 223 25.09 -21.08 -5.57
C HIS D 223 23.72 -20.95 -6.27
N THR D 224 22.63 -21.48 -5.72
CA THR D 224 21.29 -21.33 -6.35
C THR D 224 20.98 -19.83 -6.50
N LEU D 225 21.31 -19.04 -5.51
CA LEU D 225 20.91 -17.61 -5.49
C LEU D 225 21.66 -16.85 -6.59
N SER D 226 22.96 -17.12 -6.76
CA SER D 226 23.82 -16.35 -7.71
C SER D 226 23.74 -16.93 -9.13
N ASP D 227 23.30 -18.17 -9.30
CA ASP D 227 23.47 -18.89 -10.58
C ASP D 227 22.13 -19.10 -11.32
N THR D 228 20.99 -18.77 -10.73
CA THR D 228 19.68 -19.15 -11.31
C THR D 228 19.04 -18.04 -12.15
N LEU D 229 19.13 -16.79 -11.73
CA LEU D 229 18.28 -15.73 -12.33
C LEU D 229 19.05 -15.05 -13.45
N TRP D 230 18.33 -14.62 -14.48
CA TRP D 230 18.82 -13.80 -15.63
C TRP D 230 18.22 -12.40 -15.53
N GLY D 231 18.95 -11.40 -15.99
CA GLY D 231 18.54 -10.00 -15.89
C GLY D 231 18.51 -9.35 -17.26
N PRO D 232 18.82 -8.04 -17.36
CA PRO D 232 18.70 -7.31 -18.63
C PRO D 232 19.74 -7.81 -19.63
N GLY D 233 18.68 -7.91 -21.89
CA GLY D 233 19.92 -8.58 -22.33
C GLY D 233 19.95 -10.04 -21.94
N ASP D 234 20.88 -10.82 -22.50
CA ASP D 234 21.02 -12.26 -22.17
C ASP D 234 22.07 -12.39 -21.05
N SER D 235 21.98 -11.58 -19.99
CA SER D 235 22.98 -11.53 -18.89
C SER D 235 22.44 -12.22 -17.63
N ARG D 236 23.30 -12.98 -16.96
CA ARG D 236 23.07 -13.52 -15.60
C ARG D 236 22.84 -12.38 -14.61
N LEU D 237 21.83 -12.51 -13.74
CA LEU D 237 21.56 -11.57 -12.62
C LEU D 237 22.54 -11.91 -11.48
N GLN D 238 23.64 -11.18 -11.38
CA GLN D 238 24.76 -11.42 -10.46
C GLN D 238 25.36 -10.07 -10.07
N LEU D 239 26.12 -9.99 -8.98
CA LEU D 239 26.84 -8.77 -8.54
C LEU D 239 25.86 -7.59 -8.52
N ASN D 240 24.64 -7.81 -8.03
CA ASN D 240 23.59 -6.77 -8.00
C ASN D 240 23.74 -5.95 -6.71
N PHE D 241 24.92 -5.41 -6.46
CA PHE D 241 25.19 -4.52 -5.32
C PHE D 241 25.75 -3.20 -5.83
N ARG D 242 25.43 -2.13 -5.13
CA ARG D 242 26.02 -0.79 -5.38
C ARG D 242 27.35 -0.68 -4.61
N ALA D 243 28.33 0.03 -5.18
CA ALA D 243 29.62 0.32 -4.53
C ALA D 243 29.35 1.08 -3.22
N THR D 244 30.20 0.93 -2.20
CA THR D 244 30.01 1.66 -0.94
C THR D 244 30.18 3.14 -1.26
N GLN D 245 29.46 3.91 -0.48
CA GLN D 245 29.33 5.36 -0.54
C GLN D 245 30.06 5.86 0.70
N PRO D 246 30.77 7.01 0.61
CA PRO D 246 31.45 7.59 1.77
C PRO D 246 30.45 8.02 2.85
N LEU D 247 30.80 7.85 4.13
CA LEU D 247 29.93 8.30 5.23
C LEU D 247 29.78 9.83 5.16
N ASN D 248 30.83 10.51 4.71
CA ASN D 248 30.79 11.97 4.49
C ASN D 248 30.40 12.67 5.80
N GLY D 249 30.88 12.17 6.94
CA GLY D 249 30.77 12.82 8.26
C GLY D 249 29.62 12.30 9.10
N ARG D 250 28.76 11.48 8.53
CA ARG D 250 27.71 10.74 9.27
C ARG D 250 28.44 9.83 10.25
N VAL D 251 27.80 9.56 11.38
CA VAL D 251 28.35 8.66 12.42
C VAL D 251 27.39 7.48 12.54
N ILE D 252 27.87 6.27 12.30
CA ILE D 252 27.06 5.04 12.47
C ILE D 252 26.89 4.80 13.95
N GLU D 253 25.69 4.49 14.40
CA GLU D 253 25.43 4.14 15.82
C GLU D 253 25.46 2.62 15.95
N ALA D 254 25.81 2.15 17.14
CA ALA D 254 25.85 0.73 17.50
C ALA D 254 25.01 0.57 18.76
N SER D 255 24.20 -0.47 18.84
CA SER D 255 23.37 -0.74 20.04
C SER D 255 24.18 -1.44 21.15
N PHE D 256 25.49 -1.63 20.97
CA PHE D 256 26.42 -2.30 21.91
C PHE D 256 27.75 -1.55 21.86
N PRO D 257 28.48 -1.51 23.00
CA PRO D 257 29.77 -0.83 23.08
C PRO D 257 30.87 -1.61 22.34
ZN ZN E . -8.10 -28.60 -17.43
CL 7VZ F . -1.28 -29.20 -18.04
C10 7VZ F . -2.76 -28.40 -17.41
C11 7VZ F . -3.86 -29.22 -16.93
C14 7VZ F . -3.75 -30.72 -16.97
O16 7VZ F . -4.59 -31.45 -16.10
C17 7VZ F . -4.69 -32.87 -16.27
O15 7VZ F . -2.97 -31.34 -17.72
C9 7VZ F . -2.87 -27.03 -17.40
C8 7VZ F . -3.99 -26.41 -16.89
C7 7VZ F . -5.13 -27.24 -16.40
S4 7VZ F . -6.51 -26.61 -15.87
O6 7VZ F . -6.85 -25.64 -16.90
N1 7VZ F . -7.74 -27.59 -15.67
O5 7VZ F . -6.37 -25.94 -14.61
C12 7VZ F . -5.02 -28.62 -16.45
S21 7VZ F . -4.00 -24.70 -16.91
C22 7VZ F . -2.56 -23.86 -16.23
C23 7VZ F . -1.44 -24.73 -15.59
C24 7VZ F . -0.10 -23.99 -15.45
C25 7VZ F . -0.31 -22.47 -15.45
C26 7VZ F . -1.04 -21.93 -16.68
C27 7VZ F . -2.04 -22.91 -17.29
ZN ZN G . 5.91 25.82 23.41
CL 7VZ H . 0.51 28.78 20.15
C10 7VZ H . 1.67 27.42 20.43
C11 7VZ H . 2.02 27.02 21.79
C14 7VZ H . 1.44 27.72 23.00
O16 7VZ H . 1.40 27.07 24.28
C17 7VZ H . 1.12 27.82 25.46
O15 7VZ H . 1.04 28.89 22.92
C9 7VZ H . 2.22 26.76 19.34
C8 7VZ H . 3.12 25.70 19.52
C7 7VZ H . 3.45 25.27 20.90
S4 7VZ H . 4.53 24.06 21.23
O6 7VZ H . 5.68 24.29 20.42
N1 7VZ H . 5.07 24.36 22.71
O5 7VZ H . 3.89 22.80 21.06
C12 7VZ H . 2.88 25.96 21.97
S21 7VZ H . 3.77 24.96 18.16
C22 7VZ H . 2.60 25.17 16.83
C23 7VZ H . 3.10 24.49 15.56
C24 7VZ H . 2.03 24.54 14.48
C25 7VZ H . 0.70 23.98 14.97
C26 7VZ H . 0.13 24.61 16.27
C27 7VZ H . 1.23 24.59 17.34
ZN ZN I . -15.30 9.60 -6.46
CL 7VZ J . -8.88 12.49 -5.75
C10 7VZ J . -10.02 11.23 -6.35
C11 7VZ J . -11.36 11.62 -6.82
C14 7VZ J . -11.74 13.05 -6.81
O16 7VZ J . -12.84 13.50 -7.59
C17 7VZ J . -13.49 14.72 -7.25
O15 7VZ J . -11.10 13.85 -6.19
C9 7VZ J . -9.65 9.89 -6.35
C8 7VZ J . -10.51 8.92 -6.82
C7 7VZ J . -11.88 9.33 -7.32
S4 7VZ J . -12.95 8.24 -7.87
O6 7VZ J . -13.22 7.23 -6.89
N1 7VZ J . -14.38 8.99 -8.04
O5 7VZ J . -12.52 7.75 -9.14
C12 7VZ J . -12.23 10.67 -7.28
S21 7VZ J . -10.08 7.27 -6.82
C22 7VZ J . -8.39 6.94 -7.32
C23 7VZ J . -7.50 8.13 -7.76
C24 7VZ J . -6.21 7.64 -8.43
C25 7VZ J . -5.56 6.52 -7.57
C26 7VZ J . -6.48 5.51 -6.82
C27 7VZ J . -7.71 6.16 -6.22
ZN ZN K . 18.41 -3.63 -1.20
CL 7VZ L . 14.00 -3.23 -6.51
C10 7VZ L . 14.86 -2.56 -5.10
C11 7VZ L . 16.28 -2.82 -4.91
C14 7VZ L . 16.96 -3.70 -5.89
O16 7VZ L . 18.40 -3.61 -6.00
C17 7VZ L . 19.16 -4.68 -6.57
O15 7VZ L . 16.33 -4.45 -6.61
C9 7VZ L . 14.14 -1.82 -4.21
C8 7VZ L . 14.76 -1.28 -3.14
C7 7VZ L . 16.19 -1.54 -2.92
S4 7VZ L . 16.94 -0.94 -1.64
O6 7VZ L . 17.22 0.47 -1.78
N1 7VZ L . 18.33 -1.75 -1.55
O5 7VZ L . 16.09 -1.25 -0.51
C12 7VZ L . 16.91 -2.32 -3.83
S21 7VZ L . 13.85 -0.31 -2.12
C22 7VZ L . 12.73 0.88 -2.87
C23 7VZ L . 12.54 0.82 -4.41
C24 7VZ L . 11.87 2.10 -4.95
C25 7VZ L . 10.99 2.73 -3.85
C26 7VZ L . 10.40 1.72 -2.81
C27 7VZ L . 11.40 0.82 -2.14
#